data_8PIE
#
_entry.id   8PIE
#
_cell.length_a   54.190
_cell.length_b   120.313
_cell.length_c   71.918
_cell.angle_alpha   90.000
_cell.angle_beta   110.154
_cell.angle_gamma   90.000
#
_symmetry.space_group_name_H-M   'P 1 21 1'
#
loop_
_entity.id
_entity.type
_entity.pdbx_description
1 polymer 'Nucleoside diphosphate kinase B'
2 non-polymer '[(2~{R},3~{R},4~{R},5~{R})-5-(2-azanyl-6-oxidanylidene-1~{H}-purin-9-yl)-4-fluoranyl-4-methyl-3-oxidanyl-oxolan-2-yl]methyl phosphono hydrogen phosphate'
3 non-polymer GLYCEROL
4 water water
#
_entity_poly.entity_id   1
_entity_poly.type   'polypeptide(L)'
_entity_poly.pdbx_seq_one_letter_code
;MGSSHHHHHHSSGENLYFQGANLERTFIAIKPDGVQRGLVGEIIKRFEQKGFRLVAMKFLRASEEHLKQHYIDLKDRPFF
PGLVKYMNSGPVVAMVWEGLNVVKTGRVMLGETNPADSKPGTIRGDFCIQVGRNII(HIP)GSDSVKSAEKEISLWFKPE
ELVDYKSCAHDWVYE
;
_entity_poly.pdbx_strand_id   A,B,C,D,E,F
#
# COMPACT_ATOMS: atom_id res chain seq x y z
N ALA A 21 17.66 -2.27 27.97
CA ALA A 21 17.28 -1.11 27.10
C ALA A 21 16.23 -1.54 26.07
N ASN A 22 16.41 -2.76 25.52
CA ASN A 22 15.52 -3.26 24.47
C ASN A 22 14.20 -3.67 25.07
N LEU A 23 14.06 -3.61 26.44
CA LEU A 23 12.83 -4.05 27.08
C LEU A 23 11.90 -2.89 27.38
N GLU A 24 12.29 -1.67 26.98
CA GLU A 24 11.45 -0.51 27.24
C GLU A 24 10.07 -0.72 26.64
N ARG A 25 9.04 -0.15 27.26
CA ARG A 25 7.66 -0.21 26.76
C ARG A 25 7.01 1.18 26.74
N THR A 26 6.03 1.36 25.83
CA THR A 26 5.24 2.56 25.76
C THR A 26 3.78 2.17 25.70
N PHE A 27 2.91 3.13 26.02
CA PHE A 27 1.47 2.99 25.86
C PHE A 27 1.06 3.83 24.64
N ILE A 28 0.35 3.20 23.72
CA ILE A 28 -0.16 3.88 22.52
C ILE A 28 -1.66 3.63 22.53
N ALA A 29 -2.47 4.68 22.35
CA ALA A 29 -3.92 4.50 22.26
C ALA A 29 -4.38 5.14 20.96
N ILE A 30 -5.17 4.42 20.20
CA ILE A 30 -5.86 5.01 19.05
C ILE A 30 -7.17 5.57 19.59
N LYS A 31 -7.35 6.87 19.38
CA LYS A 31 -8.49 7.61 19.89
C LYS A 31 -9.74 7.34 19.08
N PRO A 32 -10.93 7.75 19.57
CA PRO A 32 -12.19 7.39 18.91
C PRO A 32 -12.28 7.84 17.45
N ASP A 33 -11.68 8.99 17.14
CA ASP A 33 -11.60 9.45 15.74
C ASP A 33 -10.75 8.55 14.86
N GLY A 34 -9.68 7.97 15.41
CA GLY A 34 -8.88 7.00 14.71
C GLY A 34 -9.63 5.73 14.37
N VAL A 35 -10.43 5.28 15.32
CA VAL A 35 -11.28 4.11 15.11
C VAL A 35 -12.34 4.43 14.07
N GLN A 36 -13.03 5.56 14.23
CA GLN A 36 -14.15 5.91 13.40
C GLN A 36 -13.71 6.13 11.96
N ARG A 37 -12.52 6.65 11.74
CA ARG A 37 -12.04 6.92 10.40
C ARG A 37 -11.31 5.71 9.81
N GLY A 38 -11.30 4.58 10.51
CA GLY A 38 -10.83 3.32 9.95
C GLY A 38 -9.31 3.23 9.79
N LEU A 39 -8.59 3.70 10.79
CA LEU A 39 -7.15 3.79 10.76
C LEU A 39 -6.47 2.78 11.69
N VAL A 40 -7.19 1.85 12.25
CA VAL A 40 -6.57 0.95 13.23
C VAL A 40 -5.51 0.07 12.61
N GLY A 41 -5.87 -0.57 11.45
CA GLY A 41 -4.93 -1.45 10.79
C GLY A 41 -3.66 -0.71 10.36
N GLU A 42 -3.87 0.44 9.77
CA GLU A 42 -2.76 1.23 9.26
C GLU A 42 -1.78 1.60 10.37
N ILE A 43 -2.31 2.01 11.51
CA ILE A 43 -1.47 2.40 12.62
C ILE A 43 -0.70 1.20 13.15
N ILE A 44 -1.36 0.08 13.40
CA ILE A 44 -0.66 -1.10 13.90
C ILE A 44 0.44 -1.51 12.98
N LYS A 45 0.16 -1.47 11.68
CA LYS A 45 1.16 -1.90 10.70
C LYS A 45 2.43 -1.04 10.80
N ARG A 46 2.29 0.25 11.05
CA ARG A 46 3.46 1.11 11.25
C ARG A 46 4.38 0.67 12.39
N PHE A 47 3.79 0.25 13.48
CA PHE A 47 4.60 -0.25 14.60
C PHE A 47 5.20 -1.62 14.32
N GLU A 48 4.42 -2.52 13.73
CA GLU A 48 4.93 -3.86 13.34
C GLU A 48 6.08 -3.78 12.36
N GLN A 49 5.97 -2.94 11.34
CA GLN A 49 6.95 -2.93 10.27
C GLN A 49 8.26 -2.31 10.75
N LYS A 50 8.20 -1.45 11.78
CA LYS A 50 9.37 -0.83 12.36
C LYS A 50 10.23 -1.85 13.11
N GLY A 51 9.61 -2.89 13.66
CA GLY A 51 10.34 -3.91 14.44
C GLY A 51 9.97 -3.94 15.91
N PHE A 52 8.97 -3.15 16.34
CA PHE A 52 8.56 -3.16 17.73
C PHE A 52 7.65 -4.36 18.00
N ARG A 53 7.55 -4.78 19.27
CA ARG A 53 6.79 -5.96 19.60
C ARG A 53 5.48 -5.58 20.29
N LEU A 54 4.34 -6.11 19.83
CA LEU A 54 3.09 -5.85 20.52
C LEU A 54 3.02 -6.70 21.77
N VAL A 55 2.81 -6.05 22.92
CA VAL A 55 2.79 -6.65 24.25
C VAL A 55 1.36 -6.82 24.75
N ALA A 56 0.49 -5.85 24.50
CA ALA A 56 -0.87 -5.89 24.99
C ALA A 56 -1.75 -5.11 24.05
N MET A 57 -3.04 -5.48 24.02
CA MET A 57 -3.99 -4.72 23.22
C MET A 57 -5.36 -5.03 23.75
N LYS A 58 -6.23 -4.03 23.82
CA LYS A 58 -7.64 -4.23 24.07
C LYS A 58 -8.41 -3.07 23.45
N PHE A 59 -9.72 -3.26 23.31
CA PHE A 59 -10.63 -2.36 22.65
C PHE A 59 -11.75 -2.09 23.64
N LEU A 60 -12.00 -0.79 23.95
CA LEU A 60 -13.00 -0.48 24.95
C LEU A 60 -13.49 0.94 24.79
N ARG A 61 -14.68 1.18 25.38
CA ARG A 61 -15.11 2.56 25.60
C ARG A 61 -14.66 2.92 27.00
N ALA A 62 -13.69 3.83 27.12
CA ALA A 62 -13.17 4.19 28.42
C ALA A 62 -14.21 5.04 29.14
N SER A 63 -14.40 4.77 30.43
CA SER A 63 -15.35 5.54 31.23
C SER A 63 -14.83 6.96 31.41
N GLU A 64 -15.77 7.86 31.73
CA GLU A 64 -15.37 9.22 32.09
C GLU A 64 -14.41 9.23 33.27
N GLU A 65 -14.63 8.37 34.28
CA GLU A 65 -13.80 8.40 35.46
C GLU A 65 -12.37 7.95 35.07
N HIS A 66 -12.28 6.91 34.23
CA HIS A 66 -10.97 6.39 33.81
C HIS A 66 -10.22 7.50 33.07
N LEU A 67 -10.94 8.20 32.19
CA LEU A 67 -10.30 9.23 31.39
C LEU A 67 -9.87 10.40 32.23
N LYS A 68 -10.66 10.73 33.27
CA LYS A 68 -10.24 11.81 34.18
C LYS A 68 -8.95 11.44 34.89
N GLN A 69 -8.78 10.15 35.21
CA GLN A 69 -7.53 9.70 35.77
C GLN A 69 -6.39 9.77 34.76
N HIS A 70 -6.61 9.28 33.54
CA HIS A 70 -5.56 9.33 32.52
C HIS A 70 -5.10 10.79 32.34
N TYR A 71 -6.08 11.70 32.30
CA TYR A 71 -5.80 13.11 32.01
C TYR A 71 -5.81 14.01 33.27
N ILE A 72 -5.51 13.44 34.43
CA ILE A 72 -5.58 14.16 35.71
C ILE A 72 -4.76 15.46 35.67
N ASP A 73 -3.60 15.45 35.02
CA ASP A 73 -2.78 16.65 34.96
C ASP A 73 -3.46 17.80 34.25
N LEU A 74 -4.52 17.57 33.47
CA LEU A 74 -5.09 18.63 32.64
C LEU A 74 -6.40 19.08 33.24
N LYS A 75 -6.75 18.62 34.46
CA LYS A 75 -8.11 18.79 34.92
C LYS A 75 -8.53 20.28 35.00
N ASP A 76 -7.56 21.22 34.93
CA ASP A 76 -7.89 22.62 35.04
C ASP A 76 -7.84 23.32 33.68
N ARG A 77 -7.52 22.59 32.62
CA ARG A 77 -7.43 23.24 31.34
C ARG A 77 -8.84 23.55 30.85
N PRO A 78 -8.98 24.63 30.07
CA PRO A 78 -10.28 24.99 29.53
C PRO A 78 -10.89 23.85 28.68
N PHE A 79 -10.04 23.07 28.00
CA PHE A 79 -10.56 22.09 27.03
C PHE A 79 -10.89 20.74 27.67
N PHE A 80 -10.73 20.60 29.00
CA PHE A 80 -10.74 19.32 29.66
C PHE A 80 -12.12 18.64 29.58
N PRO A 81 -13.24 19.33 29.85
CA PRO A 81 -14.53 18.64 29.79
C PRO A 81 -14.84 18.10 28.39
N GLY A 82 -14.53 18.90 27.37
CA GLY A 82 -14.70 18.47 25.99
C GLY A 82 -13.76 17.31 25.60
N LEU A 83 -12.54 17.33 26.08
CA LEU A 83 -11.57 16.27 25.82
C LEU A 83 -12.08 14.97 26.39
N VAL A 84 -12.52 14.99 27.66
CA VAL A 84 -13.05 13.77 28.27
C VAL A 84 -14.31 13.27 27.52
N LYS A 85 -15.24 14.18 27.17
CA LYS A 85 -16.42 13.73 26.46
C LYS A 85 -16.06 13.11 25.11
N TYR A 86 -15.19 13.74 24.34
CA TYR A 86 -14.78 13.21 23.05
C TYR A 86 -14.11 11.84 23.25
N MET A 87 -13.22 11.70 24.21
CA MET A 87 -12.48 10.47 24.43
C MET A 87 -13.39 9.36 24.91
N ASN A 88 -14.60 9.71 25.42
CA ASN A 88 -15.63 8.74 25.82
C ASN A 88 -16.71 8.53 24.76
N SER A 89 -16.65 9.22 23.64
CA SER A 89 -17.71 9.28 22.62
C SER A 89 -17.61 8.13 21.63
N GLY A 90 -16.55 7.32 21.71
CA GLY A 90 -16.53 6.07 20.98
C GLY A 90 -15.42 5.20 21.58
N PRO A 91 -15.14 4.03 21.03
CA PRO A 91 -14.12 3.15 21.57
C PRO A 91 -12.72 3.59 21.21
N VAL A 92 -11.74 3.12 21.98
CA VAL A 92 -10.33 3.33 21.74
C VAL A 92 -9.66 1.96 21.69
N VAL A 93 -8.51 1.92 20.99
CA VAL A 93 -7.66 0.74 20.98
C VAL A 93 -6.48 1.12 21.89
N ALA A 94 -6.33 0.40 23.01
CA ALA A 94 -5.24 0.60 23.93
C ALA A 94 -4.17 -0.47 23.65
N MET A 95 -2.89 -0.06 23.56
CA MET A 95 -1.81 -0.98 23.24
C MET A 95 -0.60 -0.70 24.11
N VAL A 96 0.21 -1.75 24.31
CA VAL A 96 1.57 -1.59 24.78
C VAL A 96 2.50 -2.15 23.73
N TRP A 97 3.56 -1.36 23.44
CA TRP A 97 4.58 -1.80 22.48
C TRP A 97 5.94 -1.79 23.15
N GLU A 98 6.84 -2.71 22.73
CA GLU A 98 8.15 -2.85 23.34
C GLU A 98 9.26 -2.70 22.32
N GLY A 99 10.35 -2.08 22.77
CA GLY A 99 11.59 -2.09 22.01
C GLY A 99 12.49 -0.95 22.47
N LEU A 100 13.67 -0.97 21.86
CA LEU A 100 14.71 0.00 22.18
C LEU A 100 14.13 1.38 21.92
N ASN A 101 14.18 2.23 22.95
CA ASN A 101 13.76 3.63 22.78
C ASN A 101 12.37 3.79 22.18
N VAL A 102 11.49 2.84 22.51
CA VAL A 102 10.14 2.84 21.97
C VAL A 102 9.34 4.07 22.40
N VAL A 103 9.56 4.63 23.60
CA VAL A 103 8.83 5.81 24.01
C VAL A 103 9.15 6.99 23.11
N LYS A 104 10.43 7.35 22.94
CA LYS A 104 10.82 8.50 22.14
C LYS A 104 10.54 8.23 20.66
N THR A 105 10.91 7.05 20.18
CA THR A 105 10.71 6.67 18.79
C THR A 105 9.22 6.64 18.45
N GLY A 106 8.41 6.07 19.39
CA GLY A 106 6.96 6.08 19.29
C GLY A 106 6.44 7.47 19.02
N ARG A 107 6.95 8.43 19.80
CA ARG A 107 6.55 9.83 19.62
C ARG A 107 6.92 10.41 18.28
N VAL A 108 8.11 10.08 17.81
CA VAL A 108 8.56 10.57 16.51
C VAL A 108 7.66 9.98 15.42
N MET A 109 7.28 8.71 15.56
CA MET A 109 6.43 8.08 14.54
C MET A 109 5.02 8.70 14.52
N LEU A 110 4.52 9.13 15.69
CA LEU A 110 3.21 9.71 15.78
C LEU A 110 3.21 11.09 15.14
N GLY A 111 4.30 11.82 15.35
CA GLY A 111 4.41 13.20 14.91
C GLY A 111 4.13 14.10 16.12
N GLU A 112 4.15 15.40 15.88
CA GLU A 112 3.84 16.38 16.94
C GLU A 112 2.37 16.25 17.36
N THR A 113 2.10 16.64 18.60
CA THR A 113 0.79 16.53 19.20
C THR A 113 -0.22 17.29 18.35
N ASN A 114 0.18 18.49 17.93
CA ASN A 114 -0.57 19.31 17.03
C ASN A 114 -0.34 18.87 15.59
N PRO A 115 -1.35 18.29 14.90
CA PRO A 115 -1.18 17.83 13.52
C PRO A 115 -0.68 18.89 12.54
N ALA A 116 -0.98 20.16 12.81
CA ALA A 116 -0.51 21.27 11.96
C ALA A 116 1.03 21.29 11.87
N ASP A 117 1.69 20.85 12.93
CA ASP A 117 3.15 20.81 12.98
C ASP A 117 3.75 19.44 12.63
N SER A 118 2.93 18.42 12.40
CA SER A 118 3.39 17.04 12.20
C SER A 118 3.84 16.88 10.77
N LYS A 119 4.98 16.23 10.52
CA LYS A 119 5.53 16.09 9.19
C LYS A 119 4.82 14.97 8.43
N PRO A 120 4.75 15.07 7.09
CA PRO A 120 4.35 13.96 6.24
C PRO A 120 5.29 12.77 6.52
N GLY A 121 4.72 11.59 6.55
CA GLY A 121 5.45 10.37 6.95
C GLY A 121 5.10 9.91 8.34
N THR A 122 4.66 10.84 9.18
CA THR A 122 4.19 10.50 10.50
C THR A 122 2.71 10.15 10.48
N ILE A 123 2.25 9.51 11.57
CA ILE A 123 0.86 9.09 11.64
C ILE A 123 -0.07 10.32 11.64
N ARG A 124 0.19 11.32 12.50
CA ARG A 124 -0.68 12.48 12.50
C ARG A 124 -0.47 13.33 11.24
N GLY A 125 0.74 13.41 10.75
CA GLY A 125 1.03 14.18 9.57
C GLY A 125 0.29 13.65 8.34
N ASP A 126 0.18 12.31 8.28
CA ASP A 126 -0.49 11.65 7.16
C ASP A 126 -2.03 11.66 7.28
N PHE A 127 -2.56 11.61 8.50
CA PHE A 127 -3.93 11.19 8.68
C PHE A 127 -4.84 12.16 9.44
N CYS A 128 -4.39 13.31 9.96
CA CYS A 128 -5.34 14.15 10.66
C CYS A 128 -4.94 15.62 10.64
N ILE A 129 -5.83 16.48 11.15
CA ILE A 129 -5.74 17.89 10.83
C ILE A 129 -5.69 18.75 12.09
N GLN A 130 -6.55 18.46 13.09
CA GLN A 130 -6.77 19.38 14.20
C GLN A 130 -6.42 18.78 15.54
N VAL A 131 -5.95 19.63 16.50
CA VAL A 131 -5.35 19.16 17.76
C VAL A 131 -6.39 18.40 18.58
N GLY A 132 -7.69 18.82 18.48
CA GLY A 132 -8.76 18.20 19.24
C GLY A 132 -9.23 16.87 18.66
N ARG A 133 -8.78 16.52 17.44
CA ARG A 133 -9.10 15.24 16.82
C ARG A 133 -7.79 14.70 16.21
N ASN A 134 -6.85 14.33 17.08
CA ASN A 134 -5.49 14.02 16.64
C ASN A 134 -5.16 12.52 16.72
N ILE A 135 -6.20 11.66 16.69
CA ILE A 135 -6.29 10.23 16.33
C ILE A 135 -5.56 9.29 17.24
N ILE A 136 -4.54 9.75 17.97
CA ILE A 136 -3.67 8.83 18.69
C ILE A 136 -3.02 9.52 19.89
N GLY A 138 0.54 8.76 22.53
CA GLY A 138 1.67 7.94 22.96
C GLY A 138 2.33 8.53 24.21
N SER A 139 2.84 7.66 25.09
CA SER A 139 3.48 8.11 26.35
C SER A 139 4.57 9.12 26.04
N ASP A 140 4.72 10.16 26.91
CA ASP A 140 5.76 11.15 26.63
C ASP A 140 7.06 10.77 27.35
N SER A 141 7.09 9.79 28.27
CA SER A 141 8.36 9.45 28.94
C SER A 141 8.23 8.05 29.48
N VAL A 142 9.37 7.44 29.85
CA VAL A 142 9.31 6.10 30.46
C VAL A 142 8.45 6.09 31.71
N LYS A 143 8.59 7.15 32.55
CA LYS A 143 7.84 7.21 33.79
C LYS A 143 6.35 7.35 33.51
N SER A 144 5.94 8.17 32.54
CA SER A 144 4.51 8.23 32.27
C SER A 144 3.99 6.96 31.57
N ALA A 145 4.85 6.30 30.75
CA ALA A 145 4.45 5.03 30.19
C ALA A 145 4.13 4.04 31.30
N GLU A 146 5.00 3.93 32.32
CA GLU A 146 4.73 2.93 33.32
C GLU A 146 3.43 3.25 34.06
N LYS A 147 3.16 4.50 34.31
CA LYS A 147 1.91 4.89 34.96
C LYS A 147 0.69 4.58 34.09
N GLU A 148 0.78 4.91 32.79
CA GLU A 148 -0.35 4.67 31.87
C GLU A 148 -0.58 3.17 31.70
N ILE A 149 0.50 2.38 31.56
CA ILE A 149 0.35 0.95 31.45
C ILE A 149 -0.37 0.39 32.67
N SER A 150 0.03 0.79 33.90
CA SER A 150 -0.70 0.26 35.06
C SER A 150 -2.12 0.77 35.14
N LEU A 151 -2.41 1.96 34.64
CA LEU A 151 -3.80 2.41 34.71
C LEU A 151 -4.68 1.66 33.72
N TRP A 152 -4.17 1.40 32.50
CA TRP A 152 -5.05 0.86 31.47
C TRP A 152 -5.05 -0.66 31.40
N PHE A 153 -4.04 -1.32 31.90
CA PHE A 153 -3.98 -2.78 31.76
C PHE A 153 -3.79 -3.44 33.11
N LYS A 154 -4.28 -4.66 33.22
CA LYS A 154 -3.88 -5.52 34.33
C LYS A 154 -2.55 -6.17 33.99
N PRO A 155 -1.68 -6.48 34.97
CA PRO A 155 -0.39 -7.10 34.65
C PRO A 155 -0.47 -8.36 33.78
N GLU A 156 -1.51 -9.18 33.98
CA GLU A 156 -1.63 -10.42 33.25
C GLU A 156 -2.02 -10.16 31.80
N GLU A 157 -2.40 -8.93 31.39
CA GLU A 157 -2.73 -8.66 30.00
C GLU A 157 -1.47 -8.43 29.16
N LEU A 158 -0.30 -8.33 29.80
CA LEU A 158 0.93 -8.03 29.11
C LEU A 158 1.56 -9.36 28.68
N VAL A 159 1.61 -9.68 27.38
CA VAL A 159 1.98 -11.00 26.97
C VAL A 159 3.49 -11.06 26.68
N ASP A 160 4.17 -12.07 27.22
CA ASP A 160 5.62 -12.26 27.03
C ASP A 160 5.87 -13.33 25.96
N TYR A 161 6.52 -12.95 24.87
CA TYR A 161 6.89 -13.88 23.80
C TYR A 161 8.06 -13.21 23.10
N LYS A 162 8.73 -13.94 22.24
CA LYS A 162 9.95 -13.44 21.59
C LYS A 162 9.69 -13.44 20.07
N SER A 163 9.94 -12.29 19.43
CA SER A 163 9.75 -12.16 18.00
C SER A 163 10.69 -13.10 17.25
N CYS A 164 10.22 -13.74 16.18
CA CYS A 164 11.11 -14.64 15.43
C CYS A 164 12.20 -13.86 14.71
N ALA A 165 12.02 -12.56 14.51
CA ALA A 165 13.07 -11.78 13.85
C ALA A 165 13.92 -11.00 14.85
N HIS A 166 13.79 -11.28 16.15
CA HIS A 166 14.51 -10.53 17.14
C HIS A 166 15.97 -10.29 16.78
N ASP A 167 16.69 -11.35 16.40
CA ASP A 167 18.14 -11.21 16.17
C ASP A 167 18.44 -10.56 14.84
N TRP A 168 17.42 -10.32 13.99
CA TRP A 168 17.66 -9.51 12.81
C TRP A 168 17.31 -8.03 13.04
N VAL A 169 16.61 -7.76 14.13
CA VAL A 169 16.27 -6.40 14.51
C VAL A 169 17.27 -5.83 15.49
N TYR A 170 17.86 -6.69 16.33
CA TYR A 170 18.78 -6.27 17.39
C TYR A 170 20.10 -7.01 17.35
N GLU A 171 21.19 -6.29 17.49
CA GLU A 171 22.54 -6.86 17.71
C GLU A 171 22.58 -7.71 18.98
N ALA B 21 -12.49 29.25 9.35
CA ALA B 21 -11.08 28.82 9.11
C ALA B 21 -11.10 27.41 8.49
N ASN B 22 -12.02 26.55 8.91
CA ASN B 22 -12.17 25.19 8.38
C ASN B 22 -12.70 25.22 6.94
N LEU B 23 -13.10 26.42 6.42
CA LEU B 23 -13.66 26.49 5.09
C LEU B 23 -12.62 26.95 4.07
N GLU B 24 -11.36 27.11 4.49
CA GLU B 24 -10.30 27.51 3.58
C GLU B 24 -10.22 26.48 2.41
N ARG B 25 -9.82 26.96 1.21
CA ARG B 25 -9.60 26.09 0.05
C ARG B 25 -8.26 26.36 -0.64
N THR B 26 -7.72 25.34 -1.33
CA THR B 26 -6.51 25.48 -2.12
C THR B 26 -6.77 24.87 -3.48
N PHE B 27 -5.95 25.28 -4.47
CA PHE B 27 -5.96 24.69 -5.79
C PHE B 27 -4.73 23.77 -5.89
N ILE B 28 -4.97 22.52 -6.28
CA ILE B 28 -3.88 21.55 -6.47
C ILE B 28 -4.04 21.05 -7.91
N ALA B 29 -2.93 21.01 -8.66
CA ALA B 29 -2.98 20.49 -10.03
C ALA B 29 -1.92 19.41 -10.16
N ILE B 30 -2.30 18.25 -10.69
CA ILE B 30 -1.34 17.22 -11.03
C ILE B 30 -0.87 17.55 -12.46
N LYS B 31 0.42 17.82 -12.58
CA LYS B 31 1.03 18.22 -13.84
C LYS B 31 1.14 17.04 -14.82
N PRO B 32 1.45 17.31 -16.11
CA PRO B 32 1.38 16.24 -17.11
C PRO B 32 2.23 15.01 -16.82
N ASP B 33 3.41 15.24 -16.19
CA ASP B 33 4.28 14.17 -15.77
C ASP B 33 3.67 13.30 -14.70
N GLY B 34 2.88 13.92 -13.76
CA GLY B 34 2.18 13.16 -12.75
C GLY B 34 1.15 12.22 -13.35
N VAL B 35 0.44 12.71 -14.36
CA VAL B 35 -0.57 11.91 -15.05
C VAL B 35 0.12 10.80 -15.83
N GLN B 36 1.17 11.17 -16.60
CA GLN B 36 1.83 10.20 -17.48
C GLN B 36 2.49 9.09 -16.69
N ARG B 37 3.02 9.38 -15.49
CA ARG B 37 3.69 8.34 -14.72
C ARG B 37 2.72 7.61 -13.81
N GLY B 38 1.43 7.86 -13.94
CA GLY B 38 0.42 7.08 -13.28
C GLY B 38 0.31 7.36 -11.76
N LEU B 39 0.36 8.62 -11.37
CA LEU B 39 0.39 9.01 -9.98
C LEU B 39 -0.93 9.63 -9.50
N VAL B 40 -1.93 9.73 -10.34
CA VAL B 40 -3.16 10.43 -9.99
C VAL B 40 -3.83 9.83 -8.76
N GLY B 41 -4.02 8.50 -8.77
CA GLY B 41 -4.70 7.87 -7.65
C GLY B 41 -3.96 8.06 -6.32
N GLU B 42 -2.67 7.85 -6.39
CA GLU B 42 -1.80 8.02 -5.24
C GLU B 42 -1.90 9.41 -4.62
N ILE B 43 -1.89 10.44 -5.47
CA ILE B 43 -1.94 11.78 -5.01
C ILE B 43 -3.29 12.08 -4.35
N ILE B 44 -4.38 11.73 -5.02
CA ILE B 44 -5.71 11.96 -4.44
C ILE B 44 -5.83 11.26 -3.09
N LYS B 45 -5.32 10.05 -2.98
CA LYS B 45 -5.47 9.27 -1.77
C LYS B 45 -4.78 10.00 -0.61
N ARG B 46 -3.66 10.65 -0.85
CA ARG B 46 -3.00 11.42 0.19
C ARG B 46 -3.86 12.53 0.78
N PHE B 47 -4.57 13.22 -0.06
CA PHE B 47 -5.45 14.28 0.38
C PHE B 47 -6.69 13.72 1.09
N GLU B 48 -7.30 12.65 0.53
CA GLU B 48 -8.45 12.03 1.17
C GLU B 48 -8.12 11.45 2.56
N GLN B 49 -7.00 10.74 2.73
CA GLN B 49 -6.71 10.08 3.97
C GLN B 49 -6.35 11.10 5.09
N LYS B 50 -5.93 12.31 4.70
CA LYS B 50 -5.57 13.35 5.61
C LYS B 50 -6.82 13.96 6.26
N GLY B 51 -7.96 13.90 5.60
CA GLY B 51 -9.21 14.45 6.07
C GLY B 51 -9.66 15.71 5.33
N PHE B 52 -8.97 16.13 4.29
CA PHE B 52 -9.47 17.21 3.46
C PHE B 52 -10.65 16.79 2.57
N ARG B 53 -11.45 17.77 2.14
CA ARG B 53 -12.63 17.48 1.35
C ARG B 53 -12.42 17.91 -0.10
N LEU B 54 -12.63 17.02 -1.06
CA LEU B 54 -12.56 17.35 -2.46
C LEU B 54 -13.81 18.16 -2.84
N VAL B 55 -13.58 19.35 -3.41
CA VAL B 55 -14.60 20.34 -3.73
C VAL B 55 -14.83 20.37 -5.25
N ALA B 56 -13.76 20.23 -6.05
CA ALA B 56 -13.88 20.27 -7.48
C ALA B 56 -12.75 19.46 -8.11
N MET B 57 -13.00 18.93 -9.30
CA MET B 57 -11.97 18.21 -10.01
C MET B 57 -12.38 18.17 -11.48
N LYS B 58 -11.42 18.38 -12.38
CA LYS B 58 -11.61 18.15 -13.78
C LYS B 58 -10.25 17.78 -14.38
N PHE B 59 -10.31 17.17 -15.58
CA PHE B 59 -9.16 16.74 -16.34
C PHE B 59 -9.19 17.45 -17.69
N LEU B 60 -8.09 18.10 -18.08
CA LEU B 60 -8.03 18.84 -19.34
C LEU B 60 -6.59 19.05 -19.76
N ARG B 61 -6.40 19.37 -21.04
CA ARG B 61 -5.17 19.91 -21.53
C ARG B 61 -5.32 21.42 -21.47
N ALA B 62 -4.55 22.07 -20.63
CA ALA B 62 -4.63 23.50 -20.48
C ALA B 62 -4.01 24.15 -21.70
N SER B 63 -4.69 25.19 -22.23
CA SER B 63 -4.15 25.91 -23.37
C SER B 63 -2.90 26.69 -22.97
N GLU B 64 -2.06 27.01 -23.97
CA GLU B 64 -0.92 27.87 -23.68
C GLU B 64 -1.35 29.23 -23.12
N GLU B 65 -2.48 29.77 -23.58
CA GLU B 65 -2.92 31.08 -23.11
C GLU B 65 -3.33 30.98 -21.64
N HIS B 66 -4.02 29.89 -21.31
CA HIS B 66 -4.47 29.69 -19.92
C HIS B 66 -3.25 29.59 -19.02
N LEU B 67 -2.26 28.84 -19.48
CA LEU B 67 -1.05 28.62 -18.68
C LEU B 67 -0.25 29.90 -18.52
N LYS B 68 -0.22 30.74 -19.56
CA LYS B 68 0.48 32.01 -19.43
C LYS B 68 -0.22 32.90 -18.41
N GLN B 69 -1.55 32.81 -18.33
CA GLN B 69 -2.26 33.52 -17.26
C GLN B 69 -1.91 32.94 -15.88
N HIS B 70 -1.99 31.63 -15.73
CA HIS B 70 -1.66 30.99 -14.47
C HIS B 70 -0.27 31.40 -14.01
N TYR B 71 0.69 31.42 -14.95
CA TYR B 71 2.08 31.68 -14.63
C TYR B 71 2.52 33.10 -15.02
N ILE B 72 1.59 34.06 -15.05
CA ILE B 72 1.87 35.43 -15.47
C ILE B 72 3.04 36.01 -14.69
N ASP B 73 3.16 35.70 -13.39
CA ASP B 73 4.21 36.31 -12.61
C ASP B 73 5.59 35.87 -13.10
N LEU B 74 5.70 34.76 -13.85
CA LEU B 74 6.98 34.19 -14.22
C LEU B 74 7.30 34.52 -15.68
N LYS B 75 6.51 35.39 -16.32
CA LYS B 75 6.60 35.49 -17.77
C LYS B 75 7.98 35.94 -18.25
N ASP B 76 8.83 36.47 -17.34
CA ASP B 76 10.14 36.95 -17.75
C ASP B 76 11.22 35.98 -17.33
N ARG B 77 10.89 34.88 -16.66
CA ARG B 77 11.94 34.01 -16.21
C ARG B 77 12.49 33.23 -17.40
N PRO B 78 13.79 32.92 -17.37
CA PRO B 78 14.40 32.22 -18.49
C PRO B 78 13.73 30.86 -18.75
N PHE B 79 13.17 30.20 -17.74
CA PHE B 79 12.59 28.87 -17.94
C PHE B 79 11.13 28.90 -18.46
N PHE B 80 10.57 30.09 -18.73
CA PHE B 80 9.12 30.24 -18.91
C PHE B 80 8.64 29.56 -20.19
N PRO B 81 9.30 29.74 -21.35
CA PRO B 81 8.86 29.04 -22.57
C PRO B 81 8.80 27.51 -22.42
N GLY B 82 9.82 26.94 -21.76
CA GLY B 82 9.90 25.52 -21.49
C GLY B 82 8.79 25.06 -20.53
N LEU B 83 8.53 25.87 -19.52
CA LEU B 83 7.52 25.57 -18.52
C LEU B 83 6.16 25.53 -19.18
N VAL B 84 5.85 26.55 -19.99
CA VAL B 84 4.56 26.55 -20.66
C VAL B 84 4.39 25.38 -21.64
N LYS B 85 5.45 25.09 -22.43
CA LYS B 85 5.32 23.97 -23.35
C LYS B 85 5.08 22.66 -22.58
N TYR B 86 5.86 22.41 -21.52
CA TYR B 86 5.72 21.18 -20.79
C TYR B 86 4.32 21.10 -20.16
N MET B 87 3.84 22.19 -19.58
CA MET B 87 2.52 22.18 -18.93
C MET B 87 1.39 22.02 -19.92
N ASN B 88 1.68 22.21 -21.23
CA ASN B 88 0.71 21.99 -22.29
C ASN B 88 0.86 20.64 -22.99
N SER B 89 1.89 19.88 -22.63
CA SER B 89 2.33 18.70 -23.39
C SER B 89 1.54 17.44 -23.04
N GLY B 90 0.65 17.52 -22.07
CA GLY B 90 -0.30 16.45 -21.81
C GLY B 90 -1.36 17.00 -20.86
N PRO B 91 -2.39 16.21 -20.52
CA PRO B 91 -3.42 16.68 -19.62
C PRO B 91 -2.97 16.82 -18.17
N VAL B 92 -3.72 17.67 -17.42
CA VAL B 92 -3.52 17.90 -16.01
C VAL B 92 -4.82 17.58 -15.27
N VAL B 93 -4.69 17.25 -13.97
CA VAL B 93 -5.85 17.09 -13.12
C VAL B 93 -5.90 18.32 -12.25
N ALA B 94 -6.96 19.14 -12.42
CA ALA B 94 -7.15 20.36 -11.61
C ALA B 94 -8.15 20.06 -10.49
N MET B 95 -7.80 20.41 -9.22
CA MET B 95 -8.64 20.12 -8.09
C MET B 95 -8.73 21.34 -7.17
N VAL B 96 -9.81 21.38 -6.39
CA VAL B 96 -9.92 22.21 -5.22
C VAL B 96 -10.18 21.34 -4.00
N TRP B 97 -9.43 21.61 -2.95
CA TRP B 97 -9.54 20.89 -1.69
C TRP B 97 -9.83 21.87 -0.57
N GLU B 98 -10.66 21.44 0.40
CA GLU B 98 -11.01 22.28 1.53
C GLU B 98 -10.58 21.68 2.86
N GLY B 99 -10.18 22.58 3.77
CA GLY B 99 -10.00 22.27 5.15
C GLY B 99 -9.18 23.32 5.86
N LEU B 100 -9.06 23.11 7.17
CA LEU B 100 -8.33 24.02 8.03
C LEU B 100 -6.88 24.04 7.56
N ASN B 101 -6.40 25.24 7.28
CA ASN B 101 -5.04 25.44 6.85
C ASN B 101 -4.62 24.61 5.65
N VAL B 102 -5.58 24.38 4.76
CA VAL B 102 -5.32 23.51 3.62
C VAL B 102 -4.23 24.07 2.68
N VAL B 103 -4.11 25.39 2.54
CA VAL B 103 -3.09 25.96 1.68
C VAL B 103 -1.70 25.64 2.20
N LYS B 104 -1.41 25.97 3.46
CA LYS B 104 -0.09 25.76 4.03
C LYS B 104 0.18 24.24 4.14
N THR B 105 -0.80 23.50 4.65
CA THR B 105 -0.65 22.07 4.89
C THR B 105 -0.47 21.34 3.59
N GLY B 106 -1.26 21.75 2.57
CA GLY B 106 -1.18 21.23 1.24
C GLY B 106 0.25 21.38 0.72
N ARG B 107 0.88 22.53 0.96
CA ARG B 107 2.25 22.71 0.52
C ARG B 107 3.24 21.82 1.23
N VAL B 108 3.06 21.63 2.53
CA VAL B 108 3.89 20.73 3.32
C VAL B 108 3.77 19.32 2.72
N MET B 109 2.57 18.91 2.36
CA MET B 109 2.35 17.55 1.87
C MET B 109 3.01 17.36 0.49
N LEU B 110 3.02 18.40 -0.34
CA LEU B 110 3.64 18.35 -1.63
C LEU B 110 5.15 18.19 -1.47
N GLY B 111 5.70 18.94 -0.53
CA GLY B 111 7.14 19.06 -0.33
C GLY B 111 7.63 20.34 -0.98
N GLU B 112 8.93 20.59 -0.90
CA GLU B 112 9.50 21.77 -1.54
C GLU B 112 9.36 21.69 -3.05
N THR B 113 9.34 22.89 -3.67
CA THR B 113 9.10 23.01 -5.09
C THR B 113 10.16 22.24 -5.86
N ASN B 114 11.41 22.36 -5.41
CA ASN B 114 12.50 21.61 -5.94
C ASN B 114 12.56 20.23 -5.29
N PRO B 115 12.32 19.13 -6.03
CA PRO B 115 12.31 17.78 -5.46
C PRO B 115 13.59 17.37 -4.74
N ALA B 116 14.72 17.95 -5.16
CA ALA B 116 16.01 17.69 -4.50
C ALA B 116 15.95 18.06 -3.01
N ASP B 117 15.13 19.04 -2.66
CA ASP B 117 15.02 19.50 -1.28
C ASP B 117 13.78 18.91 -0.54
N SER B 118 12.96 18.10 -1.22
CA SER B 118 11.70 17.62 -0.69
C SER B 118 12.01 16.39 0.16
N LYS B 119 11.39 16.27 1.33
CA LYS B 119 11.70 15.16 2.23
C LYS B 119 10.95 13.90 1.77
N PRO B 120 11.50 12.70 2.04
CA PRO B 120 10.75 11.45 1.95
C PRO B 120 9.48 11.60 2.76
N GLY B 121 8.37 11.07 2.25
CA GLY B 121 7.08 11.21 2.91
C GLY B 121 6.20 12.20 2.23
N THR B 122 6.80 13.17 1.57
CA THR B 122 6.06 14.13 0.77
C THR B 122 5.83 13.59 -0.65
N ILE B 123 4.93 14.23 -1.38
CA ILE B 123 4.60 13.81 -2.73
C ILE B 123 5.82 13.92 -3.64
N ARG B 124 6.45 15.10 -3.68
CA ARG B 124 7.61 15.26 -4.53
C ARG B 124 8.82 14.48 -4.03
N GLY B 125 8.95 14.37 -2.73
CA GLY B 125 10.08 13.65 -2.17
C GLY B 125 10.02 12.18 -2.53
N ASP B 126 8.79 11.63 -2.56
CA ASP B 126 8.60 10.23 -2.88
C ASP B 126 8.66 9.92 -4.40
N PHE B 127 8.21 10.84 -5.24
CA PHE B 127 7.83 10.48 -6.60
C PHE B 127 8.52 11.26 -7.73
N CYS B 128 9.40 12.22 -7.49
CA CYS B 128 10.01 12.88 -8.64
C CYS B 128 11.36 13.45 -8.27
N ILE B 129 12.06 13.97 -9.30
CA ILE B 129 13.50 14.14 -9.15
C ILE B 129 13.92 15.58 -9.48
N GLN B 130 13.37 16.18 -10.54
CA GLN B 130 13.90 17.46 -11.04
C GLN B 130 12.83 18.55 -11.03
N VAL B 131 13.26 19.81 -10.84
CA VAL B 131 12.35 20.93 -10.57
C VAL B 131 11.46 21.19 -11.77
N GLY B 132 11.94 20.91 -12.97
CA GLY B 132 11.17 21.12 -14.20
C GLY B 132 10.21 19.96 -14.50
N ARG B 133 10.22 18.89 -13.72
CA ARG B 133 9.27 17.79 -13.87
C ARG B 133 8.82 17.40 -12.45
N ASN B 134 8.14 18.34 -11.76
CA ASN B 134 7.91 18.22 -10.33
C ASN B 134 6.45 17.89 -9.99
N ILE B 135 5.74 17.26 -10.95
CA ILE B 135 4.52 16.43 -10.89
C ILE B 135 3.27 17.13 -10.37
N ILE B 136 3.40 18.21 -9.60
CA ILE B 136 2.27 18.79 -8.90
C ILE B 136 2.47 20.28 -8.64
N GLY B 138 0.69 23.36 -5.97
CA GLY B 138 -0.27 23.82 -4.99
C GLY B 138 -0.20 25.34 -4.76
N SER B 139 -1.34 25.99 -4.49
CA SER B 139 -1.39 27.42 -4.21
C SER B 139 -0.40 27.79 -3.11
N ASP B 140 0.32 28.94 -3.25
CA ASP B 140 1.26 29.31 -2.20
C ASP B 140 0.60 30.18 -1.13
N SER B 141 -0.61 30.70 -1.32
CA SER B 141 -1.24 31.51 -0.29
C SER B 141 -2.74 31.50 -0.51
N VAL B 142 -3.53 31.92 0.48
CA VAL B 142 -4.99 31.98 0.31
C VAL B 142 -5.34 32.90 -0.85
N LYS B 143 -4.64 34.03 -0.95
CA LYS B 143 -4.96 34.97 -2.01
C LYS B 143 -4.61 34.37 -3.38
N SER B 144 -3.47 33.68 -3.51
CA SER B 144 -3.23 33.06 -4.83
C SER B 144 -4.16 31.84 -5.08
N ALA B 145 -4.58 31.12 -4.02
CA ALA B 145 -5.58 30.07 -4.17
C ALA B 145 -6.87 30.63 -4.76
N GLU B 146 -7.36 31.74 -4.23
CA GLU B 146 -8.65 32.22 -4.70
C GLU B 146 -8.52 32.70 -6.14
N LYS B 147 -7.37 33.24 -6.53
CA LYS B 147 -7.17 33.62 -7.92
C LYS B 147 -7.10 32.38 -8.83
N GLU B 148 -6.37 31.34 -8.40
CA GLU B 148 -6.23 30.14 -9.22
C GLU B 148 -7.58 29.42 -9.34
N ILE B 149 -8.35 29.37 -8.24
CA ILE B 149 -9.66 28.75 -8.27
C ILE B 149 -10.56 29.44 -9.27
N SER B 150 -10.59 30.80 -9.27
CA SER B 150 -11.46 31.45 -10.25
C SER B 150 -10.89 31.30 -11.66
N LEU B 151 -9.56 31.19 -11.83
CA LEU B 151 -9.04 31.03 -13.20
C LEU B 151 -9.39 29.66 -13.74
N TRP B 152 -9.29 28.60 -12.91
CA TRP B 152 -9.41 27.26 -13.50
C TRP B 152 -10.83 26.70 -13.43
N PHE B 153 -11.67 27.19 -12.54
CA PHE B 153 -12.99 26.58 -12.42
C PHE B 153 -14.08 27.62 -12.57
N LYS B 154 -15.22 27.20 -13.04
CA LYS B 154 -16.42 28.03 -12.93
C LYS B 154 -16.99 27.87 -11.52
N PRO B 155 -17.66 28.89 -10.96
CA PRO B 155 -18.23 28.76 -9.60
C PRO B 155 -19.14 27.55 -9.42
N GLU B 156 -19.90 27.19 -10.44
CA GLU B 156 -20.81 26.04 -10.42
C GLU B 156 -20.06 24.71 -10.36
N GLU B 157 -18.74 24.65 -10.62
CA GLU B 157 -18.04 23.38 -10.59
C GLU B 157 -17.61 23.05 -9.16
N LEU B 158 -17.79 23.98 -8.21
CA LEU B 158 -17.38 23.81 -6.84
C LEU B 158 -18.55 23.17 -6.09
N VAL B 159 -18.42 21.93 -5.65
CA VAL B 159 -19.56 21.19 -5.14
C VAL B 159 -19.59 21.34 -3.61
N ASP B 160 -20.78 21.61 -3.07
CA ASP B 160 -20.98 21.80 -1.63
C ASP B 160 -21.62 20.53 -1.05
N TYR B 161 -20.93 19.84 -0.15
CA TYR B 161 -21.46 18.67 0.52
C TYR B 161 -20.66 18.56 1.81
N LYS B 162 -21.11 17.71 2.73
CA LYS B 162 -20.46 17.58 4.03
C LYS B 162 -19.92 16.16 4.18
N SER B 163 -18.64 16.02 4.54
CA SER B 163 -18.05 14.68 4.66
C SER B 163 -18.69 13.96 5.85
N CYS B 164 -18.94 12.66 5.75
CA CYS B 164 -19.59 11.94 6.82
C CYS B 164 -18.68 11.85 8.04
N ALA B 165 -17.35 12.05 7.88
CA ALA B 165 -16.52 12.00 9.08
C ALA B 165 -16.15 13.41 9.61
N HIS B 166 -16.85 14.44 9.13
CA HIS B 166 -16.45 15.81 9.48
C HIS B 166 -16.27 15.97 10.98
N ASP B 167 -17.20 15.49 11.81
CA ASP B 167 -17.15 15.73 13.25
C ASP B 167 -16.12 14.82 13.93
N TRP B 168 -15.48 13.91 13.20
CA TRP B 168 -14.36 13.15 13.73
C TRP B 168 -13.04 13.76 13.31
N VAL B 169 -13.12 14.69 12.37
CA VAL B 169 -11.91 15.37 11.88
C VAL B 169 -11.79 16.75 12.56
N TYR B 170 -12.93 17.37 12.87
CA TYR B 170 -12.97 18.70 13.48
C TYR B 170 -13.75 18.69 14.80
N GLU B 171 -13.23 19.37 15.82
CA GLU B 171 -14.03 19.67 17.01
C GLU B 171 -15.13 20.70 16.66
N ALA C 21 25.16 14.65 -15.74
CA ALA C 21 24.69 14.76 -14.34
C ALA C 21 23.54 13.76 -14.10
N ASN C 22 22.66 13.58 -15.09
CA ASN C 22 21.57 12.61 -15.02
C ASN C 22 22.09 11.17 -15.12
N LEU C 23 23.39 10.98 -15.35
CA LEU C 23 23.99 9.70 -15.53
C LEU C 23 24.66 9.21 -14.25
N GLU C 24 24.59 9.97 -13.17
CA GLU C 24 25.23 9.58 -11.93
C GLU C 24 24.67 8.24 -11.49
N ARG C 25 25.51 7.43 -10.81
CA ARG C 25 25.11 6.15 -10.24
C ARG C 25 25.49 6.00 -8.77
N THR C 26 24.71 5.19 -8.03
CA THR C 26 25.00 4.85 -6.65
C THR C 26 24.90 3.34 -6.49
N PHE C 27 25.57 2.79 -5.46
CA PHE C 27 25.46 1.41 -5.05
C PHE C 27 24.57 1.34 -3.82
N ILE C 28 23.55 0.51 -3.89
CA ILE C 28 22.65 0.28 -2.76
C ILE C 28 22.68 -1.21 -2.49
N ALA C 29 22.85 -1.61 -1.21
CA ALA C 29 22.80 -3.01 -0.85
C ALA C 29 21.74 -3.18 0.24
N ILE C 30 20.84 -4.14 0.06
CA ILE C 30 19.94 -4.52 1.14
C ILE C 30 20.68 -5.56 1.95
N LYS C 31 20.85 -5.26 3.25
CA LYS C 31 21.68 -6.05 4.14
C LYS C 31 20.89 -7.30 4.56
N PRO C 32 21.55 -8.28 5.19
CA PRO C 32 20.89 -9.55 5.46
C PRO C 32 19.62 -9.47 6.32
N ASP C 33 19.59 -8.49 7.22
CA ASP C 33 18.38 -8.21 7.98
C ASP C 33 17.24 -7.71 7.14
N GLY C 34 17.55 -6.89 6.10
CA GLY C 34 16.52 -6.45 5.18
C GLY C 34 15.90 -7.59 4.40
N VAL C 35 16.73 -8.54 3.98
CA VAL C 35 16.27 -9.71 3.27
C VAL C 35 15.47 -10.60 4.19
N GLN C 36 16.01 -10.86 5.40
CA GLN C 36 15.36 -11.75 6.34
C GLN C 36 13.98 -11.23 6.77
N ARG C 37 13.84 -9.94 6.89
CA ARG C 37 12.57 -9.34 7.35
C ARG C 37 11.62 -9.06 6.18
N GLY C 38 11.98 -9.46 4.97
CA GLY C 38 11.08 -9.43 3.85
C GLY C 38 10.85 -8.01 3.27
N LEU C 39 11.92 -7.22 3.16
CA LEU C 39 11.79 -5.83 2.80
C LEU C 39 12.32 -5.54 1.39
N VAL C 40 12.69 -6.55 0.63
CA VAL C 40 13.34 -6.32 -0.65
C VAL C 40 12.38 -5.57 -1.61
N GLY C 41 11.16 -6.09 -1.76
CA GLY C 41 10.27 -5.45 -2.72
C GLY C 41 9.91 -4.03 -2.31
N GLU C 42 9.64 -3.84 -1.03
CA GLU C 42 9.36 -2.50 -0.53
C GLU C 42 10.46 -1.48 -0.84
N ILE C 43 11.71 -1.90 -0.62
CA ILE C 43 12.84 -1.03 -0.90
C ILE C 43 12.94 -0.73 -2.38
N ILE C 44 12.89 -1.76 -3.25
CA ILE C 44 13.03 -1.50 -4.69
C ILE C 44 11.93 -0.58 -5.17
N LYS C 45 10.72 -0.76 -4.65
CA LYS C 45 9.61 0.05 -5.11
C LYS C 45 9.85 1.54 -4.80
N ARG C 46 10.49 1.83 -3.68
CA ARG C 46 10.82 3.22 -3.37
C ARG C 46 11.73 3.88 -4.39
N PHE C 47 12.69 3.14 -4.87
CA PHE C 47 13.61 3.68 -5.87
C PHE C 47 12.93 3.81 -7.22
N GLU C 48 12.18 2.78 -7.63
CA GLU C 48 11.40 2.83 -8.87
C GLU C 48 10.40 3.96 -8.91
N GLN C 49 9.63 4.18 -7.84
CA GLN C 49 8.56 5.16 -7.90
C GLN C 49 9.13 6.59 -7.88
N LYS C 50 10.35 6.76 -7.38
CA LYS C 50 11.04 8.03 -7.35
C LYS C 50 11.42 8.49 -8.78
N GLY C 51 11.66 7.54 -9.69
CA GLY C 51 12.13 7.83 -11.02
C GLY C 51 13.57 7.43 -11.31
N PHE C 52 14.24 6.76 -10.37
CA PHE C 52 15.59 6.30 -10.68
C PHE C 52 15.57 5.03 -11.55
N ARG C 53 16.67 4.75 -12.25
CA ARG C 53 16.72 3.63 -13.17
C ARG C 53 17.58 2.51 -12.59
N LEU C 54 17.03 1.28 -12.49
CA LEU C 54 17.83 0.16 -12.02
C LEU C 54 18.79 -0.25 -13.14
N VAL C 55 20.08 -0.27 -12.81
CA VAL C 55 21.18 -0.54 -13.72
C VAL C 55 21.73 -1.96 -13.54
N ALA C 56 21.77 -2.44 -12.30
CA ALA C 56 22.29 -3.75 -12.03
C ALA C 56 21.70 -4.25 -10.75
N MET C 57 21.62 -5.57 -10.63
CA MET C 57 21.10 -6.17 -9.43
C MET C 57 21.60 -7.63 -9.42
N LYS C 58 22.05 -8.08 -8.26
CA LYS C 58 22.27 -9.51 -8.01
C LYS C 58 22.05 -9.80 -6.53
N PHE C 59 21.91 -11.07 -6.20
CA PHE C 59 21.59 -11.61 -4.89
C PHE C 59 22.73 -12.60 -4.59
N LEU C 60 23.43 -12.39 -3.47
CA LEU C 60 24.54 -13.27 -3.13
C LEU C 60 24.82 -13.22 -1.63
N ARG C 61 25.54 -14.25 -1.15
CA ARG C 61 26.13 -14.20 0.18
C ARG C 61 27.54 -13.70 -0.03
N ALA C 62 27.85 -12.48 0.40
CA ALA C 62 29.14 -11.87 0.20
C ALA C 62 30.15 -12.57 1.11
N SER C 63 31.33 -12.88 0.55
CA SER C 63 32.35 -13.59 1.35
C SER C 63 32.90 -12.64 2.41
N GLU C 64 33.50 -13.19 3.45
CA GLU C 64 34.17 -12.36 4.45
C GLU C 64 35.26 -11.49 3.83
N GLU C 65 36.01 -12.05 2.87
CA GLU C 65 37.11 -11.28 2.29
C GLU C 65 36.53 -10.11 1.50
N HIS C 66 35.48 -10.38 0.73
CA HIS C 66 34.84 -9.32 -0.06
C HIS C 66 34.37 -8.18 0.86
N LEU C 67 33.75 -8.57 1.98
CA LEU C 67 33.18 -7.58 2.88
C LEU C 67 34.27 -6.79 3.58
N LYS C 68 35.40 -7.43 3.88
CA LYS C 68 36.53 -6.70 4.44
C LYS C 68 37.07 -5.69 3.46
N GLN C 69 37.02 -6.00 2.17
CA GLN C 69 37.36 -5.01 1.16
C GLN C 69 36.34 -3.87 1.13
N HIS C 70 35.05 -4.20 1.12
CA HIS C 70 34.01 -3.18 1.08
C HIS C 70 34.22 -2.21 2.27
N TYR C 71 34.50 -2.81 3.44
CA TYR C 71 34.63 -2.06 4.69
C TYR C 71 36.10 -1.80 5.11
N ILE C 72 37.02 -1.75 4.14
CA ILE C 72 38.45 -1.65 4.43
C ILE C 72 38.77 -0.46 5.34
N ASP C 73 38.08 0.67 5.16
CA ASP C 73 38.37 1.84 5.97
C ASP C 73 38.09 1.60 7.46
N LEU C 74 37.29 0.60 7.81
CA LEU C 74 36.85 0.43 9.19
C LEU C 74 37.60 -0.75 9.81
N LYS C 75 38.63 -1.27 9.15
CA LYS C 75 39.19 -2.54 9.56
C LYS C 75 39.76 -2.49 10.99
N ASP C 76 39.90 -1.31 11.56
CA ASP C 76 40.51 -1.16 12.88
C ASP C 76 39.43 -0.91 13.93
N ARG C 77 38.17 -0.79 13.52
CA ARG C 77 37.19 -0.38 14.50
C ARG C 77 36.88 -1.59 15.37
N PRO C 78 36.50 -1.33 16.63
CA PRO C 78 36.15 -2.43 17.53
C PRO C 78 35.04 -3.30 16.95
N PHE C 79 34.10 -2.72 16.20
CA PHE C 79 32.91 -3.46 15.80
C PHE C 79 33.12 -4.24 14.49
N PHE C 80 34.34 -4.21 13.92
CA PHE C 80 34.54 -4.67 12.55
C PHE C 80 34.33 -6.18 12.40
N PRO C 81 34.88 -7.04 13.29
CA PRO C 81 34.64 -8.47 13.20
C PRO C 81 33.16 -8.85 13.21
N GLY C 82 32.41 -8.20 14.11
CA GLY C 82 30.97 -8.43 14.23
C GLY C 82 30.20 -7.92 12.99
N LEU C 83 30.65 -6.79 12.44
CA LEU C 83 30.01 -6.20 11.28
C LEU C 83 30.18 -7.14 10.10
N VAL C 84 31.42 -7.62 9.88
CA VAL C 84 31.67 -8.54 8.81
C VAL C 84 30.91 -9.87 8.99
N LYS C 85 30.87 -10.43 10.21
CA LYS C 85 30.12 -11.66 10.41
C LYS C 85 28.64 -11.42 10.07
N TYR C 86 28.06 -10.35 10.55
CA TYR C 86 26.64 -10.10 10.30
C TYR C 86 26.41 -9.93 8.80
N MET C 87 27.27 -9.17 8.11
CA MET C 87 27.09 -8.92 6.68
C MET C 87 27.28 -10.22 5.88
N ASN C 88 27.89 -11.26 6.48
CA ASN C 88 28.08 -12.56 5.84
C ASN C 88 27.06 -13.59 6.32
N SER C 89 26.16 -13.23 7.23
CA SER C 89 25.30 -14.17 7.94
C SER C 89 24.03 -14.50 7.16
N GLY C 90 23.77 -13.77 6.08
CA GLY C 90 22.73 -14.17 5.16
C GLY C 90 23.00 -13.44 3.84
N PRO C 91 22.21 -13.68 2.78
CA PRO C 91 22.40 -12.99 1.52
C PRO C 91 22.03 -11.50 1.55
N VAL C 92 22.64 -10.77 0.59
CA VAL C 92 22.37 -9.37 0.35
C VAL C 92 21.83 -9.20 -1.08
N VAL C 93 21.07 -8.13 -1.31
CA VAL C 93 20.73 -7.68 -2.64
C VAL C 93 21.61 -6.50 -2.97
N ALA C 94 22.48 -6.67 -3.97
CA ALA C 94 23.38 -5.62 -4.43
C ALA C 94 22.78 -4.97 -5.67
N MET C 95 22.73 -3.62 -5.70
CA MET C 95 22.11 -2.91 -6.81
C MET C 95 22.93 -1.71 -7.19
N VAL C 96 22.75 -1.29 -8.44
CA VAL C 96 23.18 0.01 -8.91
C VAL C 96 21.96 0.75 -9.46
N TRP C 97 21.85 2.02 -9.09
CA TRP C 97 20.76 2.89 -9.50
C TRP C 97 21.35 4.10 -10.17
N GLU C 98 20.64 4.64 -11.16
CA GLU C 98 21.06 5.82 -11.89
C GLU C 98 20.03 6.93 -11.79
N GLY C 99 20.54 8.16 -11.69
CA GLY C 99 19.78 9.36 -11.94
C GLY C 99 20.49 10.59 -11.36
N LEU C 100 19.85 11.72 -11.59
CA LEU C 100 20.35 13.00 -11.13
C LEU C 100 20.50 12.95 -9.62
N ASN C 101 21.73 13.22 -9.17
CA ASN C 101 22.02 13.32 -7.75
C ASN C 101 21.60 12.10 -6.95
N VAL C 102 21.67 10.94 -7.60
CA VAL C 102 21.22 9.69 -7.00
C VAL C 102 22.02 9.33 -5.74
N VAL C 103 23.33 9.64 -5.65
CA VAL C 103 24.07 9.39 -4.44
C VAL C 103 23.48 10.12 -3.25
N LYS C 104 23.35 11.45 -3.33
CA LYS C 104 22.91 12.25 -2.23
C LYS C 104 21.42 11.96 -1.92
N THR C 105 20.60 11.89 -2.97
CA THR C 105 19.18 11.67 -2.82
C THR C 105 18.91 10.27 -2.27
N GLY C 106 19.69 9.30 -2.74
CA GLY C 106 19.66 7.94 -2.27
C GLY C 106 19.87 7.92 -0.75
N ARG C 107 20.85 8.70 -0.27
CA ARG C 107 21.09 8.76 1.16
C ARG C 107 19.95 9.36 1.94
N VAL C 108 19.35 10.41 1.39
CA VAL C 108 18.17 11.03 1.98
C VAL C 108 17.04 9.98 2.11
N MET C 109 16.83 9.21 1.04
CA MET C 109 15.75 8.21 1.02
C MET C 109 15.98 7.11 2.06
N LEU C 110 17.24 6.72 2.29
CA LEU C 110 17.56 5.69 3.24
C LEU C 110 17.30 6.22 4.64
N GLY C 111 17.66 7.46 4.87
CA GLY C 111 17.65 8.07 6.19
C GLY C 111 19.05 8.07 6.80
N GLU C 112 19.14 8.53 8.02
CA GLU C 112 20.42 8.53 8.72
C GLU C 112 20.90 7.12 9.02
N THR C 113 22.23 6.96 9.11
CA THR C 113 22.86 5.67 9.31
C THR C 113 22.31 5.00 10.56
N ASN C 114 22.17 5.77 11.63
CA ASN C 114 21.56 5.35 12.84
C ASN C 114 20.04 5.49 12.76
N PRO C 115 19.27 4.38 12.72
CA PRO C 115 17.82 4.45 12.61
C PRO C 115 17.11 5.28 13.69
N ALA C 116 17.74 5.41 14.88
CA ALA C 116 17.19 6.25 15.94
C ALA C 116 17.03 7.71 15.48
N ASP C 117 17.90 8.14 14.56
CA ASP C 117 17.87 9.50 14.04
C ASP C 117 17.16 9.63 12.70
N SER C 118 16.66 8.53 12.12
CA SER C 118 16.11 8.56 10.76
C SER C 118 14.66 9.01 10.89
N LYS C 119 14.19 9.86 10.00
CA LYS C 119 12.83 10.35 10.05
C LYS C 119 11.84 9.33 9.52
N PRO C 120 10.57 9.37 10.01
CA PRO C 120 9.49 8.61 9.38
C PRO C 120 9.38 9.07 7.93
N GLY C 121 9.12 8.12 7.02
CA GLY C 121 9.12 8.41 5.61
C GLY C 121 10.37 7.87 4.92
N THR C 122 11.45 7.73 5.67
CA THR C 122 12.65 7.17 5.12
C THR C 122 12.66 5.65 5.29
N ILE C 123 13.53 4.97 4.59
CA ILE C 123 13.58 3.50 4.65
C ILE C 123 13.95 3.07 6.06
N ARG C 124 15.05 3.60 6.65
CA ARG C 124 15.40 3.16 7.99
C ARG C 124 14.43 3.69 9.02
N GLY C 125 13.89 4.88 8.80
CA GLY C 125 12.96 5.44 9.77
C GLY C 125 11.68 4.63 9.83
N ASP C 126 11.26 4.07 8.69
CA ASP C 126 10.04 3.27 8.67
C ASP C 126 10.28 1.82 9.14
N PHE C 127 11.47 1.27 8.91
CA PHE C 127 11.63 -0.15 8.97
C PHE C 127 12.65 -0.74 9.93
N CYS C 128 13.43 0.04 10.66
CA CYS C 128 14.39 -0.60 11.53
C CYS C 128 14.75 0.25 12.72
N ILE C 129 15.50 -0.32 13.65
CA ILE C 129 15.60 0.27 14.99
C ILE C 129 17.04 0.56 15.39
N GLN C 130 17.97 -0.35 15.12
CA GLN C 130 19.32 -0.24 15.72
C GLN C 130 20.42 -0.15 14.66
N VAL C 131 21.51 0.57 14.95
CA VAL C 131 22.56 0.93 13.98
C VAL C 131 23.21 -0.33 13.42
N GLY C 132 23.34 -1.38 14.27
CA GLY C 132 23.97 -2.61 13.85
C GLY C 132 23.06 -3.54 13.04
N ARG C 133 21.77 -3.19 12.93
CA ARG C 133 20.82 -3.92 12.09
C ARG C 133 20.01 -2.90 11.29
N ASN C 134 20.69 -2.14 10.42
CA ASN C 134 20.08 -0.97 9.78
C ASN C 134 19.74 -1.18 8.30
N ILE C 135 19.56 -2.46 7.89
CA ILE C 135 18.82 -3.02 6.75
C ILE C 135 19.37 -2.67 5.37
N ILE C 136 20.10 -1.58 5.24
CA ILE C 136 20.49 -1.10 3.90
C ILE C 136 21.80 -0.31 3.99
N GLY C 138 23.97 2.64 1.40
CA GLY C 138 24.10 3.41 0.20
C GLY C 138 25.45 4.14 0.15
N SER C 139 26.04 4.26 -1.06
CA SER C 139 27.28 4.99 -1.26
C SER C 139 27.19 6.39 -0.63
N ASP C 140 28.30 6.84 0.01
CA ASP C 140 28.27 8.13 0.66
C ASP C 140 28.75 9.23 -0.30
N SER C 141 29.38 8.91 -1.43
CA SER C 141 29.83 9.97 -2.34
C SER C 141 29.95 9.35 -3.74
N VAL C 142 30.08 10.20 -4.78
CA VAL C 142 30.27 9.72 -6.12
C VAL C 142 31.53 8.83 -6.23
N LYS C 143 32.60 9.27 -5.57
CA LYS C 143 33.84 8.53 -5.67
C LYS C 143 33.72 7.20 -4.93
N SER C 144 33.04 7.15 -3.77
CA SER C 144 32.91 5.84 -3.14
C SER C 144 31.89 4.95 -3.90
N ALA C 145 30.89 5.54 -4.55
CA ALA C 145 30.00 4.77 -5.39
C ALA C 145 30.77 4.09 -6.51
N GLU C 146 31.65 4.82 -7.19
CA GLU C 146 32.34 4.20 -8.33
C GLU C 146 33.26 3.09 -7.80
N LYS C 147 33.87 3.25 -6.62
CA LYS C 147 34.69 2.17 -6.07
C LYS C 147 33.81 0.95 -5.71
N GLU C 148 32.68 1.20 -5.06
CA GLU C 148 31.80 0.08 -4.62
C GLU C 148 31.20 -0.64 -5.83
N ILE C 149 30.80 0.12 -6.86
CA ILE C 149 30.33 -0.48 -8.10
C ILE C 149 31.39 -1.40 -8.71
N SER C 150 32.66 -0.96 -8.82
CA SER C 150 33.69 -1.82 -9.39
C SER C 150 33.96 -3.00 -8.48
N LEU C 151 33.82 -2.85 -7.16
CA LEU C 151 34.07 -3.98 -6.31
C LEU C 151 32.98 -5.03 -6.44
N TRP C 152 31.69 -4.61 -6.51
CA TRP C 152 30.63 -5.62 -6.42
C TRP C 152 30.15 -6.11 -7.77
N PHE C 153 30.36 -5.39 -8.85
CA PHE C 153 29.83 -5.83 -10.14
C PHE C 153 30.91 -5.88 -11.21
N LYS C 154 30.74 -6.78 -12.14
CA LYS C 154 31.56 -6.75 -13.34
C LYS C 154 30.95 -5.73 -14.30
N PRO C 155 31.72 -5.01 -15.13
CA PRO C 155 31.16 -4.02 -16.05
C PRO C 155 30.02 -4.56 -16.93
N GLU C 156 30.08 -5.81 -17.36
CA GLU C 156 29.04 -6.37 -18.24
C GLU C 156 27.73 -6.62 -17.43
N GLU C 157 27.71 -6.49 -16.10
CA GLU C 157 26.46 -6.69 -15.34
C GLU C 157 25.66 -5.39 -15.29
N LEU C 158 26.24 -4.28 -15.76
CA LEU C 158 25.60 -2.97 -15.71
C LEU C 158 24.84 -2.79 -17.01
N VAL C 159 23.51 -2.76 -16.96
CA VAL C 159 22.70 -2.85 -18.15
C VAL C 159 22.36 -1.43 -18.66
N ASP C 160 22.50 -1.21 -19.96
CA ASP C 160 22.15 0.05 -20.62
C ASP C 160 20.79 -0.05 -21.29
N TYR C 161 19.83 0.76 -20.86
CA TYR C 161 18.52 0.84 -21.50
C TYR C 161 17.99 2.21 -21.06
N LYS C 162 16.92 2.68 -21.68
CA LYS C 162 16.33 3.95 -21.36
C LYS C 162 14.90 3.74 -20.86
N SER C 163 14.55 4.32 -19.70
CA SER C 163 13.22 4.20 -19.15
CA SER C 163 13.20 4.19 -19.16
C SER C 163 12.20 4.86 -20.09
N CYS C 164 11.02 4.27 -20.27
CA CYS C 164 10.01 4.83 -21.15
C CYS C 164 9.49 6.16 -20.60
N ALA C 165 9.65 6.41 -19.30
CA ALA C 165 9.20 7.69 -18.74
C ALA C 165 10.33 8.73 -18.61
N HIS C 166 11.51 8.43 -19.16
CA HIS C 166 12.65 9.35 -18.98
C HIS C 166 12.27 10.81 -19.24
N ASP C 167 11.58 11.14 -20.33
CA ASP C 167 11.34 12.53 -20.69
C ASP C 167 10.23 13.15 -19.85
N TRP C 168 9.54 12.34 -19.03
CA TRP C 168 8.60 12.92 -18.08
C TRP C 168 9.24 13.08 -16.71
N VAL C 169 10.43 12.48 -16.53
CA VAL C 169 11.19 12.61 -15.31
C VAL C 169 12.22 13.71 -15.41
N TYR C 170 12.76 13.93 -16.61
CA TYR C 170 13.82 14.87 -16.85
C TYR C 170 13.49 15.82 -17.99
N GLU C 171 13.73 17.11 -17.74
CA GLU C 171 13.69 18.17 -18.74
C GLU C 171 14.71 17.88 -19.86
N ALA D 21 -9.48 -1.59 -31.67
CA ALA D 21 -9.77 -2.48 -30.51
C ALA D 21 -9.12 -1.91 -29.26
N ASN D 22 -7.88 -1.42 -29.38
CA ASN D 22 -7.18 -0.82 -28.23
C ASN D 22 -7.77 0.54 -27.89
N LEU D 23 -8.68 1.06 -28.72
CA LEU D 23 -9.22 2.40 -28.53
C LEU D 23 -10.62 2.31 -27.91
N GLU D 24 -11.05 1.12 -27.52
CA GLU D 24 -12.32 0.98 -26.82
C GLU D 24 -12.33 1.86 -25.57
N ARG D 25 -13.52 2.40 -25.19
CA ARG D 25 -13.70 3.22 -24.01
C ARG D 25 -14.88 2.75 -23.17
N THR D 26 -14.79 2.98 -21.84
CA THR D 26 -15.89 2.71 -20.96
C THR D 26 -16.13 3.93 -20.09
N PHE D 27 -17.36 4.00 -19.51
CA PHE D 27 -17.69 4.99 -18.53
C PHE D 27 -17.63 4.33 -17.14
N ILE D 28 -16.90 4.96 -16.22
CA ILE D 28 -16.85 4.51 -14.82
C ILE D 28 -17.29 5.69 -13.98
N ALA D 29 -18.21 5.48 -13.04
CA ALA D 29 -18.56 6.51 -12.10
C ALA D 29 -18.37 6.02 -10.65
N ILE D 30 -17.65 6.81 -9.85
CA ILE D 30 -17.59 6.57 -8.41
C ILE D 30 -18.80 7.18 -7.78
N LYS D 31 -19.63 6.33 -7.14
CA LYS D 31 -20.92 6.75 -6.59
C LYS D 31 -20.71 7.51 -5.30
N PRO D 32 -21.75 8.21 -4.78
CA PRO D 32 -21.55 9.12 -3.64
C PRO D 32 -20.97 8.42 -2.39
N ASP D 33 -21.32 7.16 -2.18
CA ASP D 33 -20.77 6.37 -1.08
C ASP D 33 -19.24 6.13 -1.28
N GLY D 34 -18.80 5.91 -2.51
CA GLY D 34 -17.38 5.82 -2.81
C GLY D 34 -16.62 7.07 -2.47
N VAL D 35 -17.22 8.23 -2.80
CA VAL D 35 -16.62 9.50 -2.51
C VAL D 35 -16.56 9.69 -1.00
N GLN D 36 -17.70 9.46 -0.33
CA GLN D 36 -17.83 9.71 1.08
C GLN D 36 -16.89 8.85 1.90
N ARG D 37 -16.69 7.60 1.50
CA ARG D 37 -15.83 6.70 2.24
C ARG D 37 -14.38 6.82 1.81
N GLY D 38 -14.03 7.82 1.00
CA GLY D 38 -12.64 8.11 0.73
C GLY D 38 -11.92 7.13 -0.18
N LEU D 39 -12.61 6.62 -1.21
CA LEU D 39 -12.09 5.57 -2.06
C LEU D 39 -11.75 6.08 -3.47
N VAL D 40 -11.73 7.38 -3.70
CA VAL D 40 -11.49 7.85 -5.05
C VAL D 40 -10.06 7.51 -5.51
N GLY D 41 -9.07 7.82 -4.72
CA GLY D 41 -7.70 7.57 -5.07
C GLY D 41 -7.40 6.07 -5.28
N GLU D 42 -7.92 5.28 -4.37
CA GLU D 42 -7.75 3.83 -4.49
C GLU D 42 -8.32 3.27 -5.79
N ILE D 43 -9.53 3.72 -6.15
CA ILE D 43 -10.15 3.27 -7.38
C ILE D 43 -9.36 3.70 -8.59
N ILE D 44 -8.98 4.98 -8.68
CA ILE D 44 -8.25 5.43 -9.85
C ILE D 44 -6.94 4.68 -9.99
N LYS D 45 -6.28 4.39 -8.86
CA LYS D 45 -5.00 3.72 -8.90
C LYS D 45 -5.18 2.33 -9.54
N ARG D 46 -6.31 1.65 -9.28
CA ARG D 46 -6.54 0.35 -9.89
C ARG D 46 -6.58 0.38 -11.41
N PHE D 47 -7.17 1.42 -11.96
CA PHE D 47 -7.25 1.54 -13.42
C PHE D 47 -5.89 1.97 -13.99
N GLU D 48 -5.21 2.90 -13.33
CA GLU D 48 -3.88 3.33 -13.77
C GLU D 48 -2.87 2.19 -13.75
N GLN D 49 -2.81 1.39 -12.68
CA GLN D 49 -1.78 0.38 -12.59
C GLN D 49 -2.01 -0.76 -13.61
N LYS D 50 -3.24 -0.97 -14.03
CA LYS D 50 -3.60 -1.99 -15.00
C LYS D 50 -3.10 -1.65 -16.40
N GLY D 51 -2.91 -0.36 -16.71
CA GLY D 51 -2.47 0.05 -18.03
C GLY D 51 -3.52 0.78 -18.88
N PHE D 52 -4.71 1.03 -18.32
CA PHE D 52 -5.69 1.81 -19.03
C PHE D 52 -5.40 3.32 -18.96
N ARG D 53 -5.93 4.07 -19.94
CA ARG D 53 -5.62 5.48 -20.06
C ARG D 53 -6.87 6.28 -19.65
N LEU D 54 -6.68 7.25 -18.77
CA LEU D 54 -7.76 8.12 -18.37
C LEU D 54 -7.97 9.16 -19.48
N VAL D 55 -9.20 9.19 -20.00
CA VAL D 55 -9.62 10.04 -21.10
C VAL D 55 -10.36 11.29 -20.62
N ALA D 56 -11.23 11.14 -19.58
CA ALA D 56 -12.01 12.23 -19.10
C ALA D 56 -12.35 12.03 -17.64
N MET D 57 -12.44 13.15 -16.90
CA MET D 57 -12.83 13.03 -15.50
C MET D 57 -13.47 14.34 -15.07
N LYS D 58 -14.57 14.26 -14.34
CA LYS D 58 -15.10 15.43 -13.66
C LYS D 58 -15.79 14.98 -12.37
N PHE D 59 -15.91 15.91 -11.45
CA PHE D 59 -16.58 15.75 -10.17
C PHE D 59 -17.81 16.63 -10.14
N LEU D 60 -18.97 16.06 -9.80
CA LEU D 60 -20.20 16.86 -9.83
C LEU D 60 -21.25 16.17 -8.96
N ARG D 61 -22.26 16.97 -8.61
CA ARG D 61 -23.48 16.42 -8.04
C ARG D 61 -24.43 16.30 -9.21
N ALA D 62 -24.78 15.08 -9.58
CA ALA D 62 -25.62 14.85 -10.72
C ALA D 62 -27.04 15.24 -10.35
N SER D 63 -27.72 15.95 -11.26
CA SER D 63 -29.09 16.37 -11.00
C SER D 63 -30.02 15.14 -11.02
N GLU D 64 -31.18 15.27 -10.39
CA GLU D 64 -32.16 14.18 -10.49
C GLU D 64 -32.57 13.93 -11.92
N GLU D 65 -32.72 15.00 -12.74
CA GLU D 65 -33.16 14.78 -14.10
C GLU D 65 -32.11 13.95 -14.86
N HIS D 66 -30.82 14.31 -14.66
CA HIS D 66 -29.74 13.62 -15.33
C HIS D 66 -29.76 12.15 -14.95
N LEU D 67 -29.93 11.89 -13.64
CA LEU D 67 -29.87 10.53 -13.12
C LEU D 67 -31.05 9.71 -13.62
N LYS D 68 -32.22 10.37 -13.76
CA LYS D 68 -33.36 9.65 -14.28
C LYS D 68 -33.13 9.23 -15.74
N GLN D 69 -32.40 10.07 -16.47
CA GLN D 69 -32.02 9.72 -17.82
C GLN D 69 -31.01 8.57 -17.80
N HIS D 70 -29.96 8.66 -16.96
CA HIS D 70 -28.96 7.61 -16.90
C HIS D 70 -29.66 6.25 -16.63
N TYR D 71 -30.62 6.27 -15.70
CA TYR D 71 -31.32 5.08 -15.23
C TYR D 71 -32.72 4.91 -15.84
N ILE D 72 -32.95 5.45 -17.04
CA ILE D 72 -34.27 5.43 -17.72
C ILE D 72 -34.80 4.01 -17.81
N ASP D 73 -33.95 3.00 -18.04
CA ASP D 73 -34.49 1.66 -18.16
C ASP D 73 -35.11 1.14 -16.88
N LEU D 74 -34.82 1.77 -15.72
CA LEU D 74 -35.28 1.22 -14.45
C LEU D 74 -36.45 2.06 -13.94
N LYS D 75 -36.97 3.00 -14.73
CA LYS D 75 -37.87 4.00 -14.19
C LYS D 75 -39.10 3.38 -13.55
N ASP D 76 -39.38 2.11 -13.80
CA ASP D 76 -40.57 1.46 -13.27
C ASP D 76 -40.23 0.53 -12.11
N ARG D 77 -38.97 0.38 -11.77
CA ARG D 77 -38.64 -0.54 -10.70
C ARG D 77 -39.02 0.09 -9.37
N PRO D 78 -39.43 -0.75 -8.39
CA PRO D 78 -39.81 -0.25 -7.07
C PRO D 78 -38.70 0.61 -6.44
N PHE D 79 -37.42 0.30 -6.69
CA PHE D 79 -36.34 0.97 -5.96
C PHE D 79 -35.88 2.26 -6.63
N PHE D 80 -36.54 2.68 -7.73
CA PHE D 80 -36.01 3.74 -8.58
C PHE D 80 -35.98 5.10 -7.87
N PRO D 81 -37.05 5.53 -7.19
CA PRO D 81 -37.02 6.83 -6.50
C PRO D 81 -35.87 6.91 -5.48
N GLY D 82 -35.66 5.82 -4.73
CA GLY D 82 -34.61 5.77 -3.73
C GLY D 82 -33.22 5.74 -4.38
N LEU D 83 -33.09 5.05 -5.51
CA LEU D 83 -31.83 4.99 -6.23
C LEU D 83 -31.45 6.39 -6.68
N VAL D 84 -32.39 7.12 -7.28
CA VAL D 84 -32.12 8.46 -7.73
C VAL D 84 -31.77 9.40 -6.59
N LYS D 85 -32.55 9.33 -5.47
CA LYS D 85 -32.23 10.18 -4.33
C LYS D 85 -30.80 9.87 -3.83
N TYR D 86 -30.44 8.60 -3.65
CA TYR D 86 -29.11 8.25 -3.19
C TYR D 86 -28.04 8.79 -4.17
N MET D 87 -28.23 8.59 -5.47
CA MET D 87 -27.22 8.98 -6.45
C MET D 87 -27.10 10.51 -6.53
N ASN D 88 -28.11 11.25 -5.99
CA ASN D 88 -28.07 12.71 -5.93
C ASN D 88 -27.64 13.23 -4.56
N SER D 89 -27.37 12.32 -3.59
CA SER D 89 -27.20 12.68 -2.19
C SER D 89 -25.77 13.08 -1.88
N GLY D 90 -24.87 12.95 -2.84
CA GLY D 90 -23.57 13.58 -2.74
C GLY D 90 -22.94 13.56 -4.12
N PRO D 91 -21.72 14.08 -4.26
CA PRO D 91 -21.08 14.10 -5.58
C PRO D 91 -20.58 12.76 -6.04
N VAL D 92 -20.38 12.65 -7.38
CA VAL D 92 -19.85 11.47 -8.03
C VAL D 92 -18.61 11.90 -8.85
N VAL D 93 -17.69 10.98 -9.05
CA VAL D 93 -16.58 11.13 -9.97
C VAL D 93 -16.95 10.38 -11.23
N ALA D 94 -17.10 11.13 -12.36
CA ALA D 94 -17.42 10.54 -13.66
C ALA D 94 -16.11 10.46 -14.47
N MET D 95 -15.84 9.30 -15.06
CA MET D 95 -14.61 9.07 -15.81
C MET D 95 -14.91 8.33 -17.11
N VAL D 96 -14.02 8.52 -18.08
CA VAL D 96 -13.86 7.67 -19.22
C VAL D 96 -12.45 7.08 -19.21
N TRP D 97 -12.37 5.79 -19.44
CA TRP D 97 -11.11 5.07 -19.50
C TRP D 97 -11.03 4.37 -20.87
N GLU D 98 -9.79 4.27 -21.39
CA GLU D 98 -9.57 3.64 -22.69
C GLU D 98 -8.61 2.46 -22.56
N GLY D 99 -8.91 1.43 -23.35
CA GLY D 99 -7.97 0.36 -23.64
C GLY D 99 -8.67 -0.89 -24.15
N LEU D 100 -7.85 -1.88 -24.48
CA LEU D 100 -8.32 -3.12 -25.08
C LEU D 100 -9.27 -3.76 -24.11
N ASN D 101 -10.49 -4.02 -24.59
CA ASN D 101 -11.47 -4.72 -23.77
C ASN D 101 -11.72 -4.06 -22.43
N VAL D 102 -11.65 -2.73 -22.44
CA VAL D 102 -11.84 -1.96 -21.22
C VAL D 102 -13.26 -2.13 -20.63
N VAL D 103 -14.27 -2.27 -21.45
CA VAL D 103 -15.62 -2.47 -20.95
C VAL D 103 -15.73 -3.73 -20.14
N LYS D 104 -15.41 -4.88 -20.73
CA LYS D 104 -15.53 -6.17 -20.06
C LYS D 104 -14.54 -6.29 -18.90
N THR D 105 -13.29 -5.90 -19.13
CA THR D 105 -12.23 -6.03 -18.12
C THR D 105 -12.51 -5.08 -16.97
N GLY D 106 -13.04 -3.88 -17.28
CA GLY D 106 -13.45 -2.94 -16.30
C GLY D 106 -14.51 -3.56 -15.36
N ARG D 107 -15.45 -4.26 -15.92
CA ARG D 107 -16.48 -4.92 -15.10
C ARG D 107 -15.91 -6.03 -14.25
N VAL D 108 -14.92 -6.78 -14.77
CA VAL D 108 -14.26 -7.80 -13.98
C VAL D 108 -13.57 -7.13 -12.78
N MET D 109 -12.90 -6.00 -13.04
CA MET D 109 -12.16 -5.30 -11.98
C MET D 109 -13.09 -4.81 -10.88
N LEU D 110 -14.29 -4.31 -11.27
CA LEU D 110 -15.25 -3.80 -10.34
C LEU D 110 -15.76 -4.93 -9.46
N GLY D 111 -16.01 -6.08 -10.06
CA GLY D 111 -16.61 -7.24 -9.42
C GLY D 111 -18.10 -7.25 -9.74
N GLU D 112 -18.80 -8.23 -9.20
CA GLU D 112 -20.24 -8.34 -9.42
C GLU D 112 -21.02 -7.16 -8.89
N THR D 113 -22.18 -6.89 -9.50
CA THR D 113 -23.00 -5.75 -9.14
C THR D 113 -23.34 -5.81 -7.66
N ASN D 114 -23.75 -6.98 -7.22
CA ASN D 114 -23.98 -7.28 -5.84
C ASN D 114 -22.67 -7.61 -5.12
N PRO D 115 -22.20 -6.75 -4.18
CA PRO D 115 -20.95 -7.00 -3.45
C PRO D 115 -20.87 -8.36 -2.75
N ALA D 116 -22.02 -8.90 -2.34
CA ALA D 116 -22.04 -10.20 -1.67
C ALA D 116 -21.45 -11.31 -2.57
N ASP D 117 -21.54 -11.14 -3.89
CA ASP D 117 -21.00 -12.10 -4.85
C ASP D 117 -19.63 -11.69 -5.43
N SER D 118 -19.10 -10.53 -5.07
CA SER D 118 -17.87 -9.97 -5.63
C SER D 118 -16.70 -10.64 -4.94
N LYS D 119 -15.65 -11.02 -5.67
CA LYS D 119 -14.53 -11.72 -5.08
C LYS D 119 -13.56 -10.73 -4.45
N PRO D 120 -12.82 -11.17 -3.42
CA PRO D 120 -11.64 -10.45 -2.92
C PRO D 120 -10.73 -10.17 -4.11
N GLY D 121 -10.13 -8.96 -4.14
CA GLY D 121 -9.31 -8.55 -5.25
C GLY D 121 -10.03 -7.56 -6.15
N THR D 122 -11.35 -7.64 -6.19
CA THR D 122 -12.13 -6.67 -6.94
C THR D 122 -12.42 -5.43 -6.11
N ILE D 123 -12.84 -4.36 -6.81
CA ILE D 123 -13.18 -3.14 -6.12
C ILE D 123 -14.36 -3.33 -5.15
N ARG D 124 -15.45 -3.94 -5.62
CA ARG D 124 -16.59 -4.11 -4.68
C ARG D 124 -16.29 -5.18 -3.64
N GLY D 125 -15.54 -6.21 -4.04
CA GLY D 125 -15.24 -7.28 -3.11
C GLY D 125 -14.38 -6.77 -1.96
N ASP D 126 -13.47 -5.82 -2.25
CA ASP D 126 -12.57 -5.29 -1.24
C ASP D 126 -13.25 -4.22 -0.36
N PHE D 127 -14.15 -3.43 -0.94
CA PHE D 127 -14.52 -2.18 -0.32
C PHE D 127 -16.01 -2.00 0.02
N CYS D 128 -16.91 -2.92 -0.26
CA CYS D 128 -18.31 -2.61 0.07
C CYS D 128 -19.14 -3.87 0.29
N ILE D 129 -20.36 -3.68 0.78
CA ILE D 129 -21.11 -4.80 1.36
C ILE D 129 -22.45 -5.04 0.70
N GLN D 130 -23.20 -3.97 0.41
CA GLN D 130 -24.60 -4.07 0.04
C GLN D 130 -24.86 -3.48 -1.34
N VAL D 131 -25.81 -4.08 -2.08
CA VAL D 131 -26.01 -3.79 -3.50
C VAL D 131 -26.49 -2.35 -3.67
N GLY D 132 -27.21 -1.83 -2.68
CA GLY D 132 -27.69 -0.45 -2.67
C GLY D 132 -26.62 0.61 -2.39
N ARG D 133 -25.44 0.18 -1.94
CA ARG D 133 -24.32 1.06 -1.65
C ARG D 133 -23.05 0.41 -2.23
N ASN D 134 -23.02 0.24 -3.58
CA ASN D 134 -22.00 -0.59 -4.20
C ASN D 134 -20.91 0.23 -4.93
N ILE D 135 -20.73 1.52 -4.55
CA ILE D 135 -19.59 2.42 -4.63
C ILE D 135 -19.23 2.85 -6.03
N ILE D 136 -19.62 2.07 -7.07
CA ILE D 136 -19.11 2.29 -8.39
C ILE D 136 -20.06 1.77 -9.44
N GLY D 138 -19.87 0.71 -13.77
CA GLY D 138 -19.16 0.60 -15.04
C GLY D 138 -20.10 0.19 -16.17
N SER D 139 -19.87 0.71 -17.39
CA SER D 139 -20.69 0.36 -18.55
C SER D 139 -20.76 -1.17 -18.72
N ASP D 140 -21.93 -1.71 -19.07
CA ASP D 140 -22.03 -3.15 -19.26
C ASP D 140 -21.74 -3.54 -20.70
N SER D 141 -21.67 -2.62 -21.66
CA SER D 141 -21.37 -3.01 -23.04
C SER D 141 -20.79 -1.84 -23.76
N VAL D 142 -20.18 -2.10 -24.96
CA VAL D 142 -19.67 -0.96 -25.74
C VAL D 142 -20.79 0.03 -26.08
N LYS D 143 -21.96 -0.52 -26.44
CA LYS D 143 -23.07 0.33 -26.86
C LYS D 143 -23.58 1.15 -25.69
N SER D 144 -23.66 0.59 -24.47
CA SER D 144 -24.12 1.40 -23.37
C SER D 144 -23.02 2.39 -22.91
N ALA D 145 -21.72 2.01 -23.07
CA ALA D 145 -20.66 2.97 -22.78
C ALA D 145 -20.82 4.19 -23.66
N GLU D 146 -21.06 4.00 -24.97
CA GLU D 146 -21.11 5.15 -25.84
C GLU D 146 -22.28 6.03 -25.48
N LYS D 147 -23.42 5.46 -25.10
CA LYS D 147 -24.56 6.26 -24.67
C LYS D 147 -24.24 7.04 -23.37
N GLU D 148 -23.63 6.33 -22.40
CA GLU D 148 -23.31 6.99 -21.12
C GLU D 148 -22.27 8.10 -21.31
N ILE D 149 -21.26 7.85 -22.16
CA ILE D 149 -20.26 8.85 -22.46
C ILE D 149 -20.91 10.10 -23.04
N SER D 150 -21.82 9.96 -24.01
CA SER D 150 -22.42 11.18 -24.58
C SER D 150 -23.35 11.82 -23.58
N LEU D 151 -23.99 11.05 -22.69
CA LEU D 151 -24.85 11.69 -21.70
C LEU D 151 -24.02 12.50 -20.69
N TRP D 152 -22.86 11.97 -20.22
CA TRP D 152 -22.23 12.60 -19.07
C TRP D 152 -21.12 13.58 -19.46
N PHE D 153 -20.59 13.49 -20.67
CA PHE D 153 -19.49 14.36 -21.04
C PHE D 153 -19.78 15.08 -22.33
N LYS D 154 -19.20 16.26 -22.48
CA LYS D 154 -19.18 16.90 -23.78
C LYS D 154 -18.02 16.30 -24.56
N PRO D 155 -18.09 16.27 -25.92
CA PRO D 155 -16.96 15.79 -26.72
C PRO D 155 -15.62 16.47 -26.42
N GLU D 156 -15.63 17.74 -26.10
CA GLU D 156 -14.41 18.49 -25.83
C GLU D 156 -13.80 18.10 -24.49
N GLU D 157 -14.51 17.38 -23.60
CA GLU D 157 -13.95 16.95 -22.34
C GLU D 157 -13.15 15.65 -22.49
N LEU D 158 -13.15 15.02 -23.66
CA LEU D 158 -12.46 13.76 -23.85
C LEU D 158 -11.05 14.09 -24.35
N VAL D 159 -10.03 13.83 -23.57
CA VAL D 159 -8.69 14.32 -23.93
C VAL D 159 -7.92 13.25 -24.71
N ASP D 160 -7.26 13.64 -25.80
CA ASP D 160 -6.48 12.75 -26.63
C ASP D 160 -4.99 12.94 -26.34
N TYR D 161 -4.34 11.89 -25.81
CA TYR D 161 -2.92 11.92 -25.58
C TYR D 161 -2.50 10.44 -25.61
N LYS D 162 -1.20 10.22 -25.65
CA LYS D 162 -0.65 8.89 -25.73
C LYS D 162 0.16 8.61 -24.48
N SER D 163 -0.15 7.53 -23.77
CA SER D 163 0.61 7.10 -22.62
C SER D 163 2.09 6.80 -23.01
N CYS D 164 3.04 7.20 -22.18
CA CYS D 164 4.45 6.98 -22.40
C CYS D 164 4.78 5.50 -22.36
N ALA D 165 3.93 4.70 -21.71
CA ALA D 165 4.22 3.27 -21.64
C ALA D 165 3.41 2.48 -22.67
N HIS D 166 2.73 3.15 -23.61
CA HIS D 166 1.79 2.45 -24.49
C HIS D 166 2.48 1.24 -25.15
N ASP D 167 3.73 1.39 -25.68
CA ASP D 167 4.32 0.27 -26.40
C ASP D 167 4.83 -0.83 -25.47
N TRP D 168 4.79 -0.61 -24.15
CA TRP D 168 5.10 -1.67 -23.22
C TRP D 168 3.84 -2.36 -22.74
N VAL D 169 2.70 -1.72 -23.01
CA VAL D 169 1.42 -2.31 -22.62
C VAL D 169 0.80 -3.07 -23.80
N TYR D 170 1.07 -2.61 -25.03
CA TYR D 170 0.49 -3.18 -26.23
C TYR D 170 1.58 -3.60 -27.23
N GLU D 171 1.38 -4.75 -27.84
CA GLU D 171 2.13 -5.18 -29.04
C GLU D 171 1.93 -4.22 -30.22
N ALA E 21 9.59 -31.72 -0.03
CA ALA E 21 8.39 -31.07 -0.66
C ALA E 21 8.49 -29.56 -0.48
N ASN E 22 8.87 -29.12 0.72
CA ASN E 22 9.07 -27.71 1.03
C ASN E 22 10.31 -27.14 0.32
N LEU E 23 11.08 -27.98 -0.40
CA LEU E 23 12.30 -27.56 -1.04
C LEU E 23 12.06 -27.32 -2.54
N GLU E 24 10.83 -27.47 -3.03
CA GLU E 24 10.57 -27.24 -4.44
C GLU E 24 10.99 -25.79 -4.81
N ARG E 25 11.41 -25.58 -6.06
CA ARG E 25 11.81 -24.29 -6.60
C ARG E 25 11.17 -24.00 -7.95
N THR E 26 10.96 -22.70 -8.24
CA THR E 26 10.45 -22.28 -9.52
C THR E 26 11.29 -21.15 -10.03
N PHE E 27 11.22 -20.91 -11.36
CA PHE E 27 11.89 -19.81 -11.98
C PHE E 27 10.82 -18.77 -12.33
N ILE E 28 11.05 -17.53 -11.91
CA ILE E 28 10.14 -16.44 -12.17
C ILE E 28 10.97 -15.38 -12.87
N ALA E 29 10.51 -14.83 -14.01
CA ALA E 29 11.22 -13.75 -14.65
C ALA E 29 10.27 -12.60 -14.89
N ILE E 30 10.70 -11.42 -14.53
CA ILE E 30 9.98 -10.19 -14.86
C ILE E 30 10.46 -9.79 -16.22
N LYS E 31 9.50 -9.69 -17.14
CA LYS E 31 9.77 -9.40 -18.52
C LYS E 31 10.04 -7.91 -18.72
N PRO E 32 10.62 -7.51 -19.86
CA PRO E 32 11.05 -6.13 -20.04
C PRO E 32 9.94 -5.10 -19.78
N ASP E 33 8.70 -5.44 -20.14
CA ASP E 33 7.56 -4.55 -19.87
C ASP E 33 7.31 -4.38 -18.36
N GLY E 34 7.52 -5.44 -17.56
CA GLY E 34 7.42 -5.35 -16.13
C GLY E 34 8.45 -4.40 -15.52
N VAL E 35 9.69 -4.48 -16.05
CA VAL E 35 10.75 -3.59 -15.63
C VAL E 35 10.41 -2.17 -16.01
N GLN E 36 10.06 -1.97 -17.28
CA GLN E 36 9.84 -0.65 -17.81
C GLN E 36 8.68 0.06 -17.11
N ARG E 37 7.63 -0.67 -16.73
CA ARG E 37 6.49 -0.03 -16.12
C ARG E 37 6.65 0.04 -14.59
N GLY E 38 7.80 -0.36 -14.06
CA GLY E 38 8.14 -0.03 -12.69
C GLY E 38 7.43 -0.96 -11.69
N LEU E 39 7.36 -2.24 -12.02
CA LEU E 39 6.63 -3.23 -11.25
C LEU E 39 7.53 -4.21 -10.52
N VAL E 40 8.84 -4.04 -10.55
CA VAL E 40 9.74 -5.02 -9.96
C VAL E 40 9.48 -5.20 -8.44
N GLY E 41 9.45 -4.10 -7.71
CA GLY E 41 9.25 -4.13 -6.28
C GLY E 41 7.94 -4.77 -5.87
N GLU E 42 6.91 -4.33 -6.58
CA GLU E 42 5.56 -4.85 -6.30
C GLU E 42 5.51 -6.38 -6.47
N ILE E 43 6.10 -6.88 -7.57
CA ILE E 43 6.12 -8.31 -7.81
C ILE E 43 6.90 -9.06 -6.75
N ILE E 44 8.13 -8.61 -6.41
CA ILE E 44 8.91 -9.29 -5.39
C ILE E 44 8.15 -9.35 -4.06
N LYS E 45 7.47 -8.24 -3.73
CA LYS E 45 6.79 -8.15 -2.46
C LYS E 45 5.68 -9.21 -2.39
N ARG E 46 5.01 -9.46 -3.50
CA ARG E 46 4.02 -10.54 -3.49
C ARG E 46 4.57 -11.93 -3.09
N PHE E 47 5.73 -12.25 -3.60
CA PHE E 47 6.34 -13.53 -3.26
C PHE E 47 6.87 -13.54 -1.83
N GLU E 48 7.52 -12.44 -1.38
CA GLU E 48 8.00 -12.32 0.00
C GLU E 48 6.87 -12.43 1.02
N GLN E 49 5.76 -11.73 0.81
CA GLN E 49 4.74 -11.70 1.82
C GLN E 49 4.00 -13.05 1.93
N LYS E 50 4.00 -13.83 0.85
CA LYS E 50 3.40 -15.15 0.80
C LYS E 50 4.13 -16.15 1.71
N GLY E 51 5.46 -15.95 1.92
CA GLY E 51 6.24 -16.92 2.68
C GLY E 51 7.27 -17.67 1.84
N PHE E 52 7.37 -17.39 0.54
CA PHE E 52 8.39 -18.05 -0.26
C PHE E 52 9.76 -17.46 -0.01
N ARG E 53 10.83 -18.26 -0.24
CA ARG E 53 12.18 -17.80 0.04
C ARG E 53 12.88 -17.46 -1.29
N LEU E 54 13.47 -16.24 -1.39
CA LEU E 54 14.23 -15.92 -2.57
C LEU E 54 15.57 -16.68 -2.52
N VAL E 55 15.88 -17.43 -3.58
CA VAL E 55 17.07 -18.25 -3.72
C VAL E 55 18.11 -17.61 -4.61
N ALA E 56 17.69 -16.96 -5.70
CA ALA E 56 18.63 -16.36 -6.61
C ALA E 56 17.95 -15.22 -7.32
N MET E 57 18.75 -14.25 -7.79
CA MET E 57 18.18 -13.14 -8.52
C MET E 57 19.28 -12.46 -9.31
N LYS E 58 19.02 -12.10 -10.57
CA LYS E 58 19.91 -11.27 -11.33
C LYS E 58 19.11 -10.46 -12.34
N PHE E 59 19.71 -9.41 -12.85
CA PHE E 59 19.16 -8.48 -13.80
C PHE E 59 20.06 -8.48 -15.03
N LEU E 60 19.48 -8.73 -16.21
CA LEU E 60 20.26 -8.79 -17.43
C LEU E 60 19.40 -8.56 -18.65
N ARG E 61 20.08 -8.21 -19.73
CA ARG E 61 19.47 -8.27 -21.06
C ARG E 61 19.87 -9.62 -21.61
N ALA E 62 18.88 -10.51 -21.76
CA ALA E 62 19.10 -11.83 -22.24
C ALA E 62 19.38 -11.77 -23.72
N SER E 63 20.41 -12.51 -24.17
CA SER E 63 20.76 -12.53 -25.59
C SER E 63 19.65 -13.23 -26.37
N GLU E 64 19.62 -12.99 -27.69
CA GLU E 64 18.68 -13.71 -28.53
C GLU E 64 18.93 -15.20 -28.49
N GLU E 65 20.20 -15.62 -28.42
CA GLU E 65 20.48 -17.04 -28.39
C GLU E 65 19.91 -17.67 -27.13
N HIS E 66 20.13 -16.96 -26.00
CA HIS E 66 19.64 -17.48 -24.72
C HIS E 66 18.13 -17.63 -24.76
N LEU E 67 17.47 -16.61 -25.33
CA LEU E 67 16.00 -16.61 -25.36
C LEU E 67 15.45 -17.66 -26.28
N LYS E 68 16.18 -17.94 -27.38
CA LYS E 68 15.74 -19.02 -28.26
C LYS E 68 15.83 -20.37 -27.55
N GLN E 69 16.83 -20.50 -26.68
CA GLN E 69 16.91 -21.71 -25.87
C GLN E 69 15.77 -21.75 -24.84
N HIS E 70 15.53 -20.65 -24.14
CA HIS E 70 14.45 -20.59 -23.15
C HIS E 70 13.13 -21.00 -23.82
N TYR E 71 12.90 -20.47 -25.02
CA TYR E 71 11.64 -20.68 -25.75
C TYR E 71 11.73 -21.74 -26.85
N ILE E 72 12.67 -22.70 -26.73
CA ILE E 72 12.93 -23.67 -27.80
C ILE E 72 11.65 -24.41 -28.23
N ASP E 73 10.78 -24.74 -27.30
CA ASP E 73 9.58 -25.47 -27.65
C ASP E 73 8.63 -24.67 -28.54
N LEU E 74 8.80 -23.34 -28.65
CA LEU E 74 7.89 -22.52 -29.43
C LEU E 74 8.53 -22.12 -30.75
N LYS E 75 9.68 -22.70 -31.11
CA LYS E 75 10.46 -22.17 -32.21
C LYS E 75 9.69 -22.20 -33.54
N ASP E 76 8.55 -22.92 -33.60
CA ASP E 76 7.78 -23.01 -34.82
C ASP E 76 6.54 -22.14 -34.75
N ARG E 77 6.30 -21.48 -33.64
CA ARG E 77 5.06 -20.70 -33.57
C ARG E 77 5.26 -19.45 -34.39
N PRO E 78 4.17 -18.97 -35.01
CA PRO E 78 4.26 -17.77 -35.84
C PRO E 78 4.82 -16.58 -35.03
N PHE E 79 4.56 -16.51 -33.74
CA PHE E 79 4.91 -15.33 -32.97
C PHE E 79 6.34 -15.36 -32.43
N PHE E 80 7.12 -16.39 -32.76
CA PHE E 80 8.38 -16.66 -32.09
C PHE E 80 9.43 -15.58 -32.38
N PRO E 81 9.66 -15.16 -33.62
CA PRO E 81 10.65 -14.09 -33.87
C PRO E 81 10.35 -12.80 -33.09
N GLY E 82 9.05 -12.41 -33.06
CA GLY E 82 8.62 -11.19 -32.37
C GLY E 82 8.74 -11.38 -30.83
N LEU E 83 8.48 -12.57 -30.35
CA LEU E 83 8.59 -12.90 -28.93
C LEU E 83 10.03 -12.74 -28.49
N VAL E 84 10.93 -13.31 -29.25
CA VAL E 84 12.34 -13.19 -28.92
C VAL E 84 12.84 -11.78 -28.99
N LYS E 85 12.48 -11.04 -30.04
CA LYS E 85 12.89 -9.64 -30.11
C LYS E 85 12.36 -8.86 -28.89
N TYR E 86 11.07 -9.00 -28.54
CA TYR E 86 10.52 -8.26 -27.41
C TYR E 86 11.28 -8.64 -26.13
N MET E 87 11.55 -9.91 -25.92
CA MET E 87 12.19 -10.38 -24.70
C MET E 87 13.64 -9.91 -24.63
N ASN E 88 14.21 -9.48 -25.77
CA ASN E 88 15.57 -8.95 -25.85
C ASN E 88 15.58 -7.42 -25.85
N SER E 89 14.42 -6.78 -25.87
CA SER E 89 14.30 -5.35 -26.12
C SER E 89 14.50 -4.53 -24.83
N GLY E 90 14.61 -5.18 -23.68
CA GLY E 90 15.09 -4.50 -22.49
C GLY E 90 15.50 -5.53 -21.46
N PRO E 91 15.93 -5.14 -20.26
CA PRO E 91 16.34 -6.11 -19.26
C PRO E 91 15.20 -6.85 -18.61
N VAL E 92 15.54 -8.01 -18.05
CA VAL E 92 14.61 -8.83 -17.27
C VAL E 92 15.21 -9.08 -15.89
N VAL E 93 14.35 -9.36 -14.92
CA VAL E 93 14.77 -9.77 -13.60
C VAL E 93 14.48 -11.25 -13.54
N ALA E 94 15.53 -12.06 -13.38
CA ALA E 94 15.44 -13.51 -13.29
C ALA E 94 15.55 -13.89 -11.81
N MET E 95 14.65 -14.78 -11.34
CA MET E 95 14.63 -15.16 -9.94
C MET E 95 14.38 -16.64 -9.81
N VAL E 96 14.83 -17.17 -8.67
CA VAL E 96 14.40 -18.47 -8.21
C VAL E 96 13.77 -18.31 -6.84
N TRP E 97 12.59 -18.91 -6.67
CA TRP E 97 11.90 -18.90 -5.39
C TRP E 97 11.71 -20.35 -4.89
N GLU E 98 11.71 -20.51 -3.57
CA GLU E 98 11.52 -21.84 -2.96
C GLU E 98 10.33 -21.87 -2.03
N GLY E 99 9.64 -23.00 -2.07
CA GLY E 99 8.65 -23.35 -1.07
C GLY E 99 7.74 -24.48 -1.54
N LEU E 100 6.90 -24.90 -0.58
CA LEU E 100 5.92 -25.94 -0.84
C LEU E 100 5.03 -25.49 -1.99
N ASN E 101 5.02 -26.35 -3.02
CA ASN E 101 4.18 -26.18 -4.17
C ASN E 101 4.36 -24.82 -4.85
N VAL E 102 5.59 -24.34 -4.83
CA VAL E 102 5.92 -23.03 -5.37
C VAL E 102 5.64 -22.95 -6.88
N VAL E 103 5.87 -24.02 -7.65
CA VAL E 103 5.57 -24.01 -9.05
C VAL E 103 4.11 -23.68 -9.33
N LYS E 104 3.21 -24.52 -8.79
CA LYS E 104 1.79 -24.40 -9.05
C LYS E 104 1.23 -23.11 -8.41
N THR E 105 1.61 -22.85 -7.16
CA THR E 105 1.12 -21.68 -6.43
C THR E 105 1.63 -20.39 -7.09
N GLY E 106 2.88 -20.42 -7.53
CA GLY E 106 3.47 -19.33 -8.30
C GLY E 106 2.66 -19.00 -9.52
N ARG E 107 2.20 -20.01 -10.24
CA ARG E 107 1.38 -19.78 -11.41
C ARG E 107 0.02 -19.19 -11.06
N VAL E 108 -0.59 -19.67 -9.98
CA VAL E 108 -1.85 -19.12 -9.50
C VAL E 108 -1.65 -17.62 -9.17
N MET E 109 -0.55 -17.28 -8.52
CA MET E 109 -0.28 -15.89 -8.16
C MET E 109 -0.07 -14.99 -9.38
N LEU E 110 0.57 -15.51 -10.43
CA LEU E 110 0.78 -14.79 -11.66
C LEU E 110 -0.54 -14.51 -12.34
N GLY E 111 -1.40 -15.50 -12.34
CA GLY E 111 -2.65 -15.47 -13.08
C GLY E 111 -2.48 -16.22 -14.41
N GLU E 112 -3.52 -16.23 -15.20
CA GLU E 112 -3.50 -16.90 -16.50
C GLU E 112 -2.54 -16.17 -17.45
N THR E 113 -2.05 -16.90 -18.43
CA THR E 113 -1.02 -16.43 -19.34
C THR E 113 -1.55 -15.23 -20.10
N ASN E 114 -2.79 -15.34 -20.56
CA ASN E 114 -3.51 -14.24 -21.13
C ASN E 114 -4.10 -13.34 -20.04
N PRO E 115 -3.63 -12.08 -19.90
CA PRO E 115 -4.15 -11.16 -18.89
C PRO E 115 -5.67 -10.93 -18.92
N ALA E 116 -6.27 -11.06 -20.10
CA ALA E 116 -7.72 -10.91 -20.25
C ALA E 116 -8.48 -11.95 -19.40
N ASP E 117 -7.86 -13.11 -19.15
CA ASP E 117 -8.48 -14.16 -18.35
C ASP E 117 -8.01 -14.18 -16.88
N SER E 118 -7.04 -13.33 -16.52
CA SER E 118 -6.42 -13.36 -15.21
C SER E 118 -7.34 -12.65 -14.22
N LYS E 119 -7.49 -13.17 -13.02
CA LYS E 119 -8.43 -12.59 -12.06
C LYS E 119 -7.76 -11.40 -11.33
N PRO E 120 -8.57 -10.41 -10.91
CA PRO E 120 -8.12 -9.38 -9.98
C PRO E 120 -7.55 -10.06 -8.74
N GLY E 121 -6.43 -9.51 -8.24
CA GLY E 121 -5.72 -10.14 -7.16
C GLY E 121 -4.46 -10.83 -7.61
N THR E 122 -4.41 -11.20 -8.90
CA THR E 122 -3.22 -11.83 -9.42
C THR E 122 -2.32 -10.75 -10.00
N ILE E 123 -1.06 -11.11 -10.26
CA ILE E 123 -0.13 -10.17 -10.84
C ILE E 123 -0.58 -9.70 -12.20
N ARG E 124 -0.89 -10.62 -13.13
CA ARG E 124 -1.31 -10.15 -14.47
C ARG E 124 -2.69 -9.53 -14.44
N GLY E 125 -3.56 -10.02 -13.57
CA GLY E 125 -4.90 -9.47 -13.50
C GLY E 125 -4.90 -8.05 -12.97
N ASP E 126 -3.94 -7.73 -12.08
CA ASP E 126 -3.86 -6.36 -11.52
C ASP E 126 -3.10 -5.41 -12.47
N PHE E 127 -2.11 -5.90 -13.21
CA PHE E 127 -1.11 -5.03 -13.77
C PHE E 127 -0.95 -5.01 -15.29
N CYS E 128 -1.64 -5.87 -16.06
CA CYS E 128 -1.37 -5.79 -17.50
C CYS E 128 -2.58 -6.25 -18.30
N ILE E 129 -2.48 -6.10 -19.64
CA ILE E 129 -3.69 -6.12 -20.45
C ILE E 129 -3.61 -7.14 -21.56
N GLN E 130 -2.45 -7.25 -22.27
CA GLN E 130 -2.40 -8.05 -23.48
C GLN E 130 -1.37 -9.17 -23.39
N VAL E 131 -1.64 -10.31 -24.06
CA VAL E 131 -0.88 -11.54 -23.88
C VAL E 131 0.56 -11.34 -24.32
N GLY E 132 0.79 -10.50 -25.34
CA GLY E 132 2.15 -10.22 -25.82
C GLY E 132 2.96 -9.28 -24.91
N ARG E 133 2.30 -8.62 -23.93
CA ARG E 133 2.97 -7.75 -22.98
C ARG E 133 2.47 -8.15 -21.56
N ASN E 134 2.77 -9.40 -21.14
CA ASN E 134 2.14 -9.96 -19.96
C ASN E 134 3.07 -10.06 -18.73
N ILE E 135 4.13 -9.20 -18.71
CA ILE E 135 4.96 -8.69 -17.63
C ILE E 135 5.81 -9.73 -16.90
N ILE E 136 5.43 -10.99 -16.92
CA ILE E 136 6.09 -12.00 -16.11
C ILE E 136 6.00 -13.39 -16.71
N GLY E 138 6.44 -17.58 -15.26
CA GLY E 138 6.72 -18.58 -14.25
C GLY E 138 6.74 -20.00 -14.83
N SER E 139 7.62 -20.87 -14.30
CA SER E 139 7.74 -22.25 -14.75
C SER E 139 6.36 -22.93 -14.71
N ASP E 140 6.09 -23.78 -15.72
CA ASP E 140 4.82 -24.45 -15.76
C ASP E 140 4.87 -25.80 -15.04
N SER E 141 6.04 -26.33 -14.71
CA SER E 141 6.10 -27.61 -14.01
C SER E 141 7.43 -27.72 -13.31
N VAL E 142 7.57 -28.73 -12.40
CA VAL E 142 8.84 -28.90 -11.72
C VAL E 142 9.95 -29.18 -12.72
N LYS E 143 9.66 -30.02 -13.72
CA LYS E 143 10.69 -30.39 -14.68
C LYS E 143 11.09 -29.19 -15.54
N SER E 144 10.14 -28.34 -15.95
CA SER E 144 10.59 -27.16 -16.69
C SER E 144 11.27 -26.11 -15.79
N ALA E 145 10.90 -26.04 -14.50
CA ALA E 145 11.62 -25.18 -13.58
C ALA E 145 13.07 -25.61 -13.50
N GLU E 146 13.33 -26.91 -13.34
CA GLU E 146 14.72 -27.31 -13.16
C GLU E 146 15.51 -27.02 -14.44
N LYS E 147 14.88 -27.16 -15.62
CA LYS E 147 15.61 -26.81 -16.84
C LYS E 147 15.87 -25.31 -16.94
N GLU E 148 14.84 -24.50 -16.62
CA GLU E 148 15.00 -23.04 -16.71
C GLU E 148 16.02 -22.52 -15.68
N ILE E 149 16.01 -23.11 -14.47
CA ILE E 149 17.00 -22.71 -13.47
C ILE E 149 18.41 -23.02 -13.96
N SER E 150 18.67 -24.20 -14.51
CA SER E 150 20.03 -24.49 -15.02
C SER E 150 20.35 -23.61 -16.20
N LEU E 151 19.37 -23.24 -17.03
CA LEU E 151 19.70 -22.39 -18.17
C LEU E 151 20.08 -20.98 -17.70
N TRP E 152 19.34 -20.42 -16.74
CA TRP E 152 19.54 -19.00 -16.45
C TRP E 152 20.55 -18.76 -15.33
N PHE E 153 20.81 -19.74 -14.47
CA PHE E 153 21.70 -19.46 -13.35
C PHE E 153 22.85 -20.45 -13.30
N LYS E 154 23.97 -19.98 -12.79
CA LYS E 154 25.05 -20.91 -12.44
C LYS E 154 24.71 -21.52 -11.08
N PRO E 155 25.12 -22.78 -10.81
CA PRO E 155 24.76 -23.42 -9.54
C PRO E 155 25.17 -22.61 -8.29
N GLU E 156 26.33 -21.93 -8.37
CA GLU E 156 26.81 -21.15 -7.26
C GLU E 156 25.99 -19.87 -7.06
N GLU E 157 25.11 -19.46 -7.97
CA GLU E 157 24.30 -18.25 -7.80
C GLU E 157 23.06 -18.56 -6.93
N LEU E 158 22.82 -19.83 -6.60
CA LEU E 158 21.66 -20.24 -5.82
C LEU E 158 22.05 -20.22 -4.35
N VAL E 159 21.49 -19.35 -3.55
CA VAL E 159 21.97 -19.14 -2.20
C VAL E 159 21.19 -20.00 -1.20
N ASP E 160 21.87 -20.65 -0.28
CA ASP E 160 21.28 -21.51 0.75
C ASP E 160 21.27 -20.78 2.09
N TYR E 161 20.09 -20.48 2.62
CA TYR E 161 19.94 -19.84 3.91
C TYR E 161 18.56 -20.23 4.38
N LYS E 162 18.30 -19.99 5.66
CA LYS E 162 17.05 -20.37 6.29
C LYS E 162 16.28 -19.11 6.68
N SER E 163 15.03 -18.99 6.25
CA SER E 163 14.24 -17.79 6.63
C SER E 163 14.00 -17.78 8.14
N CYS E 164 14.07 -16.61 8.81
CA CYS E 164 13.85 -16.58 10.26
C CYS E 164 12.42 -16.96 10.61
N ALA E 165 11.49 -16.84 9.65
CA ALA E 165 10.10 -17.20 9.96
C ALA E 165 9.75 -18.61 9.50
N HIS E 166 10.72 -19.39 9.03
CA HIS E 166 10.41 -20.71 8.46
C HIS E 166 9.48 -21.51 9.36
N ASP E 167 9.72 -21.59 10.66
CA ASP E 167 8.90 -22.44 11.54
C ASP E 167 7.52 -21.84 11.83
N TRP E 168 7.28 -20.60 11.40
CA TRP E 168 5.93 -20.04 11.48
C TRP E 168 5.22 -20.18 10.15
N VAL E 169 5.95 -20.54 9.11
CA VAL E 169 5.37 -20.76 7.79
C VAL E 169 5.07 -22.23 7.56
N TYR E 170 5.90 -23.11 8.16
CA TYR E 170 5.77 -24.54 7.96
C TYR E 170 5.74 -25.27 9.32
N GLU E 171 4.79 -26.17 9.48
CA GLU E 171 4.72 -27.15 10.56
C GLU E 171 5.99 -28.02 10.62
N ALA F 21 -30.45 -8.17 10.10
CA ALA F 21 -29.44 -8.91 9.32
C ALA F 21 -28.07 -8.20 9.40
N ASN F 22 -28.10 -6.88 9.43
CA ASN F 22 -26.90 -6.05 9.48
C ASN F 22 -26.23 -6.14 10.85
N LEU F 23 -26.84 -6.85 11.81
CA LEU F 23 -26.29 -6.94 13.16
C LEU F 23 -25.55 -8.25 13.36
N GLU F 24 -25.44 -9.07 12.32
CA GLU F 24 -24.75 -10.34 12.43
C GLU F 24 -23.29 -10.06 12.88
N ARG F 25 -22.72 -11.00 13.65
CA ARG F 25 -21.32 -10.94 14.08
C ARG F 25 -20.57 -12.23 13.81
N THR F 26 -19.22 -12.12 13.61
CA THR F 26 -18.38 -13.27 13.52
C THR F 26 -17.21 -13.10 14.47
N PHE F 27 -16.55 -14.23 14.80
CA PHE F 27 -15.30 -14.26 15.51
C PHE F 27 -14.17 -14.52 14.54
N ILE F 28 -13.14 -13.65 14.59
CA ILE F 28 -11.98 -13.77 13.75
C ILE F 28 -10.81 -13.78 14.71
N ALA F 29 -9.85 -14.73 14.56
CA ALA F 29 -8.70 -14.78 15.43
C ALA F 29 -7.47 -14.83 14.55
N ILE F 30 -6.51 -13.95 14.80
CA ILE F 30 -5.22 -14.06 14.12
C ILE F 30 -4.40 -15.02 14.98
N LYS F 31 -3.92 -16.09 14.31
CA LYS F 31 -3.21 -17.15 14.99
C LYS F 31 -1.75 -16.72 15.25
N PRO F 32 -0.99 -17.51 16.03
CA PRO F 32 0.33 -17.08 16.46
C PRO F 32 1.29 -16.76 15.32
N ASP F 33 1.15 -17.50 14.21
CA ASP F 33 2.01 -17.29 13.04
C ASP F 33 1.66 -15.97 12.36
N GLY F 34 0.38 -15.58 12.35
CA GLY F 34 0.01 -14.27 11.84
C GLY F 34 0.60 -13.14 12.67
N VAL F 35 0.59 -13.30 14.02
CA VAL F 35 1.22 -12.33 14.91
C VAL F 35 2.74 -12.25 14.63
N GLN F 36 3.37 -13.41 14.59
CA GLN F 36 4.81 -13.50 14.48
C GLN F 36 5.31 -12.98 13.14
N ARG F 37 4.56 -13.18 12.07
CA ARG F 37 4.96 -12.70 10.77
C ARG F 37 4.48 -11.28 10.51
N GLY F 38 3.95 -10.61 11.51
CA GLY F 38 3.74 -9.17 11.36
C GLY F 38 2.51 -8.81 10.50
N LEU F 39 1.42 -9.57 10.64
CA LEU F 39 0.28 -9.45 9.74
C LEU F 39 -0.96 -8.88 10.41
N VAL F 40 -0.86 -8.41 11.64
CA VAL F 40 -2.02 -7.98 12.36
C VAL F 40 -2.66 -6.76 11.70
N GLY F 41 -1.85 -5.73 11.42
CA GLY F 41 -2.41 -4.51 10.89
C GLY F 41 -3.01 -4.73 9.52
N GLU F 42 -2.28 -5.50 8.70
CA GLU F 42 -2.78 -5.77 7.35
C GLU F 42 -4.17 -6.46 7.39
N ILE F 43 -4.33 -7.44 8.29
CA ILE F 43 -5.57 -8.13 8.42
C ILE F 43 -6.68 -7.22 8.89
N ILE F 44 -6.46 -6.40 9.92
CA ILE F 44 -7.51 -5.52 10.42
C ILE F 44 -7.94 -4.56 9.33
N LYS F 45 -6.98 -4.08 8.55
CA LYS F 45 -7.27 -3.10 7.52
C LYS F 45 -8.21 -3.72 6.48
N ARG F 46 -8.08 -5.01 6.19
CA ARG F 46 -8.97 -5.64 5.23
C ARG F 46 -10.45 -5.61 5.70
N PHE F 47 -10.66 -5.85 6.96
CA PHE F 47 -12.01 -5.79 7.51
C PHE F 47 -12.53 -4.36 7.61
N GLU F 48 -11.69 -3.42 8.05
CA GLU F 48 -12.07 -2.01 8.12
C GLU F 48 -12.47 -1.46 6.76
N GLN F 49 -11.64 -1.68 5.73
CA GLN F 49 -11.88 -0.99 4.48
C GLN F 49 -13.16 -1.59 3.81
N LYS F 50 -13.52 -2.83 4.13
CA LYS F 50 -14.69 -3.48 3.61
C LYS F 50 -16.00 -2.83 4.10
N GLY F 51 -15.98 -2.21 5.29
CA GLY F 51 -17.13 -1.59 5.89
C GLY F 51 -17.66 -2.33 7.12
N PHE F 52 -17.01 -3.42 7.53
CA PHE F 52 -17.41 -4.07 8.76
C PHE F 52 -16.99 -3.28 10.02
N ARG F 53 -17.70 -3.54 11.15
CA ARG F 53 -17.49 -2.77 12.36
C ARG F 53 -16.77 -3.63 13.40
N LEU F 54 -15.67 -3.15 13.95
CA LEU F 54 -14.96 -3.87 14.98
C LEU F 54 -15.74 -3.70 16.29
N VAL F 55 -16.11 -4.83 16.89
CA VAL F 55 -16.95 -4.90 18.09
C VAL F 55 -16.10 -5.18 19.33
N ALA F 56 -15.11 -6.05 19.21
CA ALA F 56 -14.27 -6.45 20.29
C ALA F 56 -12.89 -6.84 19.77
N MET F 57 -11.88 -6.68 20.63
CA MET F 57 -10.54 -7.09 20.26
C MET F 57 -9.73 -7.25 21.56
N LYS F 58 -9.00 -8.33 21.70
CA LYS F 58 -8.04 -8.48 22.75
C LYS F 58 -6.86 -9.33 22.24
N PHE F 59 -5.73 -9.20 22.91
CA PHE F 59 -4.51 -9.92 22.64
C PHE F 59 -4.16 -10.79 23.81
N LEU F 60 -3.93 -12.09 23.55
CA LEU F 60 -3.66 -12.99 24.66
C LEU F 60 -2.94 -14.23 24.18
N ARG F 61 -2.29 -14.90 25.15
CA ARG F 61 -1.88 -16.28 24.96
C ARG F 61 -3.02 -17.14 25.48
N ALA F 62 -3.70 -17.85 24.60
CA ALA F 62 -4.82 -18.67 24.99
C ALA F 62 -4.30 -19.90 25.72
N SER F 63 -4.95 -20.26 26.84
CA SER F 63 -4.47 -21.40 27.62
C SER F 63 -4.78 -22.69 26.87
N GLU F 64 -4.08 -23.77 27.19
CA GLU F 64 -4.40 -25.07 26.62
C GLU F 64 -5.84 -25.48 26.94
N GLU F 65 -6.35 -25.17 28.13
CA GLU F 65 -7.72 -25.58 28.44
C GLU F 65 -8.70 -24.83 27.57
N HIS F 66 -8.44 -23.52 27.39
CA HIS F 66 -9.32 -22.68 26.58
C HIS F 66 -9.33 -23.24 25.16
N LEU F 67 -8.14 -23.58 24.65
CA LEU F 67 -8.02 -24.05 23.28
C LEU F 67 -8.66 -25.43 23.09
N LYS F 68 -8.59 -26.27 24.11
CA LYS F 68 -9.31 -27.55 24.05
C LYS F 68 -10.81 -27.35 23.94
N GLN F 69 -11.31 -26.33 24.61
CA GLN F 69 -12.71 -25.98 24.50
C GLN F 69 -13.01 -25.43 23.09
N HIS F 70 -12.18 -24.49 22.60
CA HIS F 70 -12.37 -23.95 21.27
C HIS F 70 -12.48 -25.09 20.23
N TYR F 71 -11.56 -26.04 20.37
CA TYR F 71 -11.41 -27.13 19.41
C TYR F 71 -12.04 -28.46 19.89
N ILE F 72 -13.03 -28.41 20.77
CA ILE F 72 -13.63 -29.61 21.37
C ILE F 72 -14.11 -30.58 20.31
N ASP F 73 -14.65 -30.10 19.20
CA ASP F 73 -15.11 -30.98 18.15
C ASP F 73 -13.98 -31.86 17.58
N LEU F 74 -12.70 -31.49 17.74
CA LEU F 74 -11.60 -32.17 17.09
C LEU F 74 -10.83 -33.01 18.10
N LYS F 75 -11.34 -33.15 19.32
CA LYS F 75 -10.52 -33.68 20.40
C LYS F 75 -9.99 -35.10 20.09
N ASP F 76 -10.56 -35.78 19.08
CA ASP F 76 -10.15 -37.14 18.77
C ASP F 76 -9.27 -37.18 17.52
N ARG F 77 -9.05 -36.05 16.87
CA ARG F 77 -8.25 -36.10 15.66
C ARG F 77 -6.79 -36.33 16.05
N PRO F 78 -6.03 -37.04 15.20
CA PRO F 78 -4.63 -37.32 15.51
C PRO F 78 -3.84 -36.02 15.72
N PHE F 79 -4.18 -34.93 15.02
CA PHE F 79 -3.35 -33.73 15.04
C PHE F 79 -3.72 -32.79 16.18
N PHE F 80 -4.66 -33.18 17.06
CA PHE F 80 -5.24 -32.28 18.06
C PHE F 80 -4.20 -31.83 19.09
N PRO F 81 -3.36 -32.72 19.65
CA PRO F 81 -2.35 -32.30 20.60
C PRO F 81 -1.40 -31.23 20.06
N GLY F 82 -0.97 -31.41 18.81
CA GLY F 82 -0.07 -30.49 18.16
C GLY F 82 -0.77 -29.18 17.81
N LEU F 83 -2.04 -29.26 17.43
CA LEU F 83 -2.81 -28.07 17.11
C LEU F 83 -2.93 -27.20 18.37
N VAL F 84 -3.27 -27.83 19.50
CA VAL F 84 -3.38 -27.07 20.73
C VAL F 84 -2.03 -26.47 21.16
N LYS F 85 -0.94 -27.25 21.09
CA LYS F 85 0.35 -26.70 21.40
C LYS F 85 0.70 -25.52 20.48
N TYR F 86 0.53 -25.65 19.16
CA TYR F 86 0.89 -24.56 18.25
C TYR F 86 0.04 -23.32 18.60
N MET F 87 -1.27 -23.49 18.82
CA MET F 87 -2.15 -22.36 19.10
C MET F 87 -1.84 -21.71 20.44
N ASN F 88 -1.09 -22.43 21.30
CA ASN F 88 -0.65 -21.90 22.61
C ASN F 88 0.80 -21.42 22.58
N SER F 89 1.46 -21.52 21.44
CA SER F 89 2.92 -21.30 21.36
C SER F 89 3.23 -19.81 21.14
N GLY F 90 2.20 -18.98 20.94
CA GLY F 90 2.44 -17.56 21.03
C GLY F 90 1.07 -16.86 21.18
N PRO F 91 1.03 -15.53 21.20
CA PRO F 91 -0.23 -14.83 21.35
C PRO F 91 -1.07 -14.79 20.08
N VAL F 92 -2.38 -14.61 20.28
CA VAL F 92 -3.36 -14.48 19.23
C VAL F 92 -4.10 -13.15 19.44
N VAL F 93 -4.60 -12.60 18.33
CA VAL F 93 -5.49 -11.49 18.36
C VAL F 93 -6.90 -12.05 18.17
N ALA F 94 -7.76 -11.88 19.17
CA ALA F 94 -9.15 -12.32 19.08
C ALA F 94 -10.03 -11.08 18.79
N MET F 95 -10.94 -11.18 17.82
CA MET F 95 -11.81 -10.10 17.40
C MET F 95 -13.22 -10.56 17.22
N VAL F 96 -14.15 -9.59 17.34
CA VAL F 96 -15.50 -9.73 16.84
C VAL F 96 -15.75 -8.60 15.82
N TRP F 97 -16.30 -8.95 14.68
CA TRP F 97 -16.69 -8.03 13.62
C TRP F 97 -18.19 -8.13 13.36
N GLU F 98 -18.80 -7.03 13.01
CA GLU F 98 -20.22 -6.95 12.73
C GLU F 98 -20.50 -6.47 11.30
N GLY F 99 -21.53 -7.08 10.70
CA GLY F 99 -22.19 -6.53 9.51
C GLY F 99 -23.00 -7.60 8.79
N LEU F 100 -23.62 -7.13 7.73
CA LEU F 100 -24.43 -7.96 6.87
C LEU F 100 -23.60 -9.12 6.38
N ASN F 101 -24.05 -10.34 6.67
CA ASN F 101 -23.40 -11.54 6.16
C ASN F 101 -21.91 -11.62 6.45
N VAL F 102 -21.54 -11.09 7.61
CA VAL F 102 -20.14 -11.06 8.03
C VAL F 102 -19.56 -12.46 8.21
N VAL F 103 -20.34 -13.45 8.66
CA VAL F 103 -19.81 -14.79 8.80
C VAL F 103 -19.37 -15.34 7.44
N LYS F 104 -20.28 -15.41 6.46
CA LYS F 104 -19.97 -15.97 5.16
C LYS F 104 -18.94 -15.11 4.41
N THR F 105 -19.12 -13.79 4.43
CA THR F 105 -18.27 -12.87 3.69
C THR F 105 -16.90 -12.88 4.31
N GLY F 106 -16.83 -12.93 5.67
CA GLY F 106 -15.60 -13.07 6.40
C GLY F 106 -14.80 -14.28 5.92
N ARG F 107 -15.48 -15.40 5.76
CA ARG F 107 -14.83 -16.61 5.27
C ARG F 107 -14.31 -16.46 3.84
N VAL F 108 -15.09 -15.78 3.00
CA VAL F 108 -14.66 -15.54 1.61
C VAL F 108 -13.38 -14.69 1.66
N MET F 109 -13.36 -13.68 2.53
CA MET F 109 -12.18 -12.79 2.62
C MET F 109 -10.94 -13.54 3.11
N LEU F 110 -11.11 -14.49 4.05
CA LEU F 110 -10.01 -15.28 4.56
C LEU F 110 -9.44 -16.15 3.45
N GLY F 111 -10.34 -16.75 2.66
CA GLY F 111 -9.97 -17.73 1.69
C GLY F 111 -10.21 -19.13 2.27
N GLU F 112 -9.95 -20.13 1.47
CA GLU F 112 -10.11 -21.51 1.91
C GLU F 112 -9.18 -21.84 3.08
N THR F 113 -9.61 -22.82 3.87
CA THR F 113 -8.91 -23.20 5.08
C THR F 113 -7.50 -23.61 4.77
N ASN F 114 -7.37 -24.38 3.71
CA ASN F 114 -6.09 -24.78 3.16
C ASN F 114 -5.57 -23.70 2.24
N PRO F 115 -4.44 -23.02 2.58
CA PRO F 115 -3.90 -21.95 1.73
C PRO F 115 -3.59 -22.35 0.30
N ALA F 116 -3.31 -23.63 0.06
CA ALA F 116 -3.05 -24.14 -1.30
C ALA F 116 -4.27 -23.91 -2.19
N ASP F 117 -5.48 -23.91 -1.62
CA ASP F 117 -6.69 -23.67 -2.38
C ASP F 117 -7.17 -22.20 -2.36
N SER F 118 -6.54 -21.33 -1.58
CA SER F 118 -7.02 -19.96 -1.36
C SER F 118 -6.63 -19.11 -2.53
N LYS F 119 -7.54 -18.24 -3.02
CA LYS F 119 -7.24 -17.45 -4.19
C LYS F 119 -6.42 -16.22 -3.83
N PRO F 120 -5.55 -15.73 -4.74
CA PRO F 120 -4.95 -14.41 -4.63
C PRO F 120 -6.03 -13.36 -4.42
N GLY F 121 -5.75 -12.41 -3.51
CA GLY F 121 -6.75 -11.44 -3.09
C GLY F 121 -7.30 -11.73 -1.72
N THR F 122 -7.26 -12.98 -1.31
CA THR F 122 -7.74 -13.36 -0.01
C THR F 122 -6.59 -13.28 1.00
N ILE F 123 -6.92 -13.31 2.29
CA ILE F 123 -5.90 -13.21 3.32
C ILE F 123 -4.94 -14.39 3.30
N ARG F 124 -5.46 -15.61 3.30
CA ARG F 124 -4.55 -16.76 3.24
C ARG F 124 -3.92 -16.91 1.86
N GLY F 125 -4.63 -16.51 0.82
CA GLY F 125 -4.08 -16.64 -0.52
C GLY F 125 -2.87 -15.73 -0.70
N ASP F 126 -2.93 -14.56 -0.08
CA ASP F 126 -1.84 -13.58 -0.17
C ASP F 126 -0.67 -13.87 0.76
N PHE F 127 -0.94 -14.45 1.94
CA PHE F 127 0.03 -14.40 3.00
C PHE F 127 0.53 -15.74 3.55
N CYS F 128 0.01 -16.90 3.15
CA CYS F 128 0.54 -18.11 3.79
C CYS F 128 0.42 -19.33 2.89
N ILE F 129 0.99 -20.45 3.34
CA ILE F 129 1.30 -21.55 2.40
C ILE F 129 0.72 -22.88 2.83
N GLN F 130 0.79 -23.20 4.11
CA GLN F 130 0.46 -24.55 4.59
C GLN F 130 -0.67 -24.53 5.60
N VAL F 131 -1.49 -25.62 5.60
CA VAL F 131 -2.74 -25.68 6.31
C VAL F 131 -2.50 -25.59 7.81
N GLY F 132 -1.36 -26.11 8.28
CA GLY F 132 -0.99 -26.10 9.69
C GLY F 132 -0.51 -24.74 10.20
N ARG F 133 -0.23 -23.80 9.27
CA ARG F 133 0.20 -22.45 9.62
C ARG F 133 -0.59 -21.47 8.75
N ASN F 134 -1.92 -21.44 8.95
CA ASN F 134 -2.81 -20.75 8.03
C ASN F 134 -3.34 -19.41 8.62
N ILE F 135 -2.57 -18.82 9.58
CA ILE F 135 -2.52 -17.43 10.05
C ILE F 135 -3.80 -16.90 10.72
N ILE F 136 -4.97 -17.45 10.42
CA ILE F 136 -6.22 -16.85 10.82
C ILE F 136 -7.30 -17.93 10.97
N GLY F 138 -11.78 -17.97 11.15
CA GLY F 138 -13.07 -17.29 11.19
C GLY F 138 -14.23 -18.27 11.46
N SER F 139 -15.27 -17.82 12.16
CA SER F 139 -16.43 -18.69 12.44
C SER F 139 -17.01 -19.27 11.12
N ASP F 140 -17.43 -20.54 11.14
CA ASP F 140 -17.96 -21.12 9.92
C ASP F 140 -19.47 -20.93 9.79
N SER F 141 -20.16 -20.52 10.84
CA SER F 141 -21.61 -20.33 10.74
C SER F 141 -22.03 -19.35 11.84
N VAL F 142 -23.24 -18.83 11.73
CA VAL F 142 -23.78 -17.95 12.77
C VAL F 142 -23.80 -18.64 14.12
N LYS F 143 -24.21 -19.91 14.13
CA LYS F 143 -24.31 -20.63 15.40
C LYS F 143 -22.92 -20.87 15.98
N SER F 144 -21.92 -21.19 15.17
CA SER F 144 -20.60 -21.36 15.75
C SER F 144 -19.97 -19.99 16.14
N ALA F 145 -20.33 -18.92 15.43
CA ALA F 145 -19.89 -17.59 15.81
C ALA F 145 -20.40 -17.26 17.20
N GLU F 146 -21.69 -17.49 17.47
CA GLU F 146 -22.20 -17.09 18.76
C GLU F 146 -21.54 -17.92 19.85
N LYS F 147 -21.22 -19.19 19.60
CA LYS F 147 -20.54 -19.98 20.59
C LYS F 147 -19.10 -19.51 20.81
N GLU F 148 -18.38 -19.20 19.72
CA GLU F 148 -17.00 -18.75 19.86
C GLU F 148 -16.93 -17.39 20.55
N ILE F 149 -17.87 -16.47 20.19
CA ILE F 149 -17.90 -15.18 20.87
C ILE F 149 -18.13 -15.34 22.36
N SER F 150 -19.09 -16.17 22.80
CA SER F 150 -19.27 -16.37 24.24
C SER F 150 -18.06 -17.04 24.86
N LEU F 151 -17.35 -17.92 24.14
CA LEU F 151 -16.20 -18.56 24.76
C LEU F 151 -15.06 -17.57 24.94
N TRP F 152 -14.82 -16.69 23.95
CA TRP F 152 -13.57 -15.93 24.00
C TRP F 152 -13.76 -14.56 24.66
N PHE F 153 -14.97 -14.01 24.72
CA PHE F 153 -15.12 -12.68 25.24
C PHE F 153 -16.15 -12.65 26.37
N LYS F 154 -15.96 -11.73 27.28
CA LYS F 154 -16.98 -11.44 28.28
C LYS F 154 -17.98 -10.50 27.65
N PRO F 155 -19.26 -10.51 28.08
CA PRO F 155 -20.28 -9.63 27.48
C PRO F 155 -19.89 -8.15 27.44
N GLU F 156 -19.24 -7.66 28.50
CA GLU F 156 -18.87 -6.25 28.56
C GLU F 156 -17.69 -5.92 27.62
N GLU F 157 -17.01 -6.92 27.00
CA GLU F 157 -15.94 -6.61 26.04
C GLU F 157 -16.49 -6.29 24.65
N LEU F 158 -17.79 -6.47 24.43
CA LEU F 158 -18.39 -6.22 23.15
C LEU F 158 -18.86 -4.77 23.13
N VAL F 159 -18.23 -3.89 22.35
CA VAL F 159 -18.45 -2.49 22.47
C VAL F 159 -19.55 -2.04 21.50
N ASP F 160 -20.51 -1.25 21.98
CA ASP F 160 -21.65 -0.80 21.17
C ASP F 160 -21.42 0.63 20.71
N TYR F 161 -21.29 0.85 19.40
CA TYR F 161 -21.14 2.19 18.85
C TYR F 161 -21.57 2.07 17.39
N LYS F 162 -21.74 3.20 16.74
CA LYS F 162 -22.27 3.25 15.40
C LYS F 162 -21.22 3.90 14.50
N SER F 163 -20.90 3.25 13.38
CA SER F 163 -19.90 3.76 12.45
C SER F 163 -20.39 5.08 11.85
N CYS F 164 -19.52 6.09 11.70
CA CYS F 164 -19.94 7.36 11.09
C CYS F 164 -20.32 7.16 9.61
N ALA F 165 -19.87 6.10 8.98
CA ALA F 165 -20.21 5.87 7.58
C ALA F 165 -21.32 4.82 7.42
N HIS F 166 -22.00 4.48 8.51
CA HIS F 166 -23.02 3.46 8.42
C HIS F 166 -23.99 3.70 7.27
N ASP F 167 -24.51 4.93 7.09
CA ASP F 167 -25.54 5.12 6.07
C ASP F 167 -24.97 5.21 4.65
N TRP F 168 -23.64 5.21 4.52
CA TRP F 168 -23.03 5.10 3.22
C TRP F 168 -22.64 3.66 2.92
N VAL F 169 -22.70 2.79 3.96
CA VAL F 169 -22.41 1.39 3.77
C VAL F 169 -23.69 0.60 3.58
N TYR F 170 -24.76 1.04 4.24
CA TYR F 170 -26.03 0.34 4.23
C TYR F 170 -27.18 1.25 3.79
N GLU F 171 -28.04 0.73 2.93
CA GLU F 171 -29.32 1.31 2.57
C GLU F 171 -30.21 1.47 3.81
#